data_7KLG
#
_entry.id   7KLG
#
_cell.length_a   197.100
_cell.length_b   197.100
_cell.length_c   211.510
_cell.angle_alpha   90.000
_cell.angle_beta   90.000
_cell.angle_gamma   120.000
#
_symmetry.space_group_name_H-M   'P 63 2 2'
#
loop_
_entity.id
_entity.type
_entity.pdbx_description
1 polymer 'Fab 15033 heavy chain'
2 polymer 'Fab 15033 light chain'
3 polymer 'Spike glycoprotein'
4 non-polymer 2-acetamido-2-deoxy-beta-D-glucopyranose
#
loop_
_entity_poly.entity_id
_entity_poly.type
_entity_poly.pdbx_seq_one_letter_code
_entity_poly.pdbx_strand_id
1 'polypeptide(L)'
;EVQLVESGGGLVQPGGSLRLSCAASGFDLGGYSMHWVRQAPGKGLEWVAGIYASGGATAYADSVKGRFTISADTSKNTAY
LQMNSLRAEDTAVYYCARSYYYGGFGMDYWGQGTLVTVSSASTKGPSVFPLAPSSKSTSGGTAALGCLVKDYFPEPVTVS
WNSGALTSGVHTFPAVLQSSGLYSLSSVVTVPSSSLGTQTYICNVNHKPSNTKVDKKVEPKSCDK
;
H,I
2 'polypeptide(L)'
;DIQMTQSPSSLSASVGDRVTITCRASQSVSSAVAWYQQKPGKAPKLLIYSASDLYSGVPSRFSGSRSGTDFTLTISSLQP
EDFATYYCQQSYRYPITFGQGTKVEIKRTVAAPSVFIFPPSDEQLKSGTASVVCLLNNFYPREAKVQWKVDNALQSGNSQ
ESVTEQDSKDSTYSLSSTLTLSKADYEKHKVYACEVTHQGLSSPVTKSFNRGEC
;
L,M
3 'polypeptide(L)'
;RFPNITNLCPFGEVFNATRFASVYAWNRKRISNCVADYSVLYNSASFSTFKCYGVSPTKLNDLCFTNVYADSFVIRGDEV
RQIAPGQTGKIADYNYKLPDDFTGCVIAWNSNNLDSKVGGNYNYLYRLFRKSNLKPFERDISTEIYQAGSTPCNGVEGFN
CYFPLQSYGFQPTNGVGYQPYRVVVLSFELLHAPATVCGPK
;
B,A
#
loop_
_chem_comp.id
_chem_comp.type
_chem_comp.name
_chem_comp.formula
NAG D-saccharide, beta linking 2-acetamido-2-deoxy-beta-D-glucopyranose 'C8 H15 N O6'
#
# COMPACT_ATOMS: atom_id res chain seq x y z
N GLU A 1 -9.51 -15.62 -7.70
CA GLU A 1 -9.67 -15.75 -9.17
C GLU A 1 -11.14 -15.72 -9.58
N VAL A 2 -11.61 -14.56 -10.01
CA VAL A 2 -12.96 -14.44 -10.55
C VAL A 2 -13.00 -15.14 -11.91
N GLN A 3 -14.07 -15.90 -12.14
CA GLN A 3 -14.19 -16.64 -13.39
C GLN A 3 -15.63 -16.66 -13.86
N LEU A 4 -15.82 -16.59 -15.18
CA LEU A 4 -17.12 -16.63 -15.81
C LEU A 4 -17.06 -17.66 -16.94
N VAL A 5 -17.99 -18.61 -16.93
CA VAL A 5 -17.98 -19.70 -17.89
C VAL A 5 -19.33 -19.80 -18.58
N GLU A 6 -19.32 -19.74 -19.91
CA GLU A 6 -20.52 -19.89 -20.72
C GLU A 6 -20.81 -21.37 -20.97
N SER A 7 -22.05 -21.63 -21.35
CA SER A 7 -22.47 -22.98 -21.72
C SER A 7 -23.82 -22.88 -22.41
N GLY A 8 -24.22 -23.97 -23.05
CA GLY A 8 -25.52 -24.04 -23.68
C GLY A 8 -25.55 -23.64 -25.14
N GLY A 9 -24.44 -23.18 -25.69
CA GLY A 9 -24.39 -22.85 -27.10
C GLY A 9 -24.55 -24.09 -27.97
N GLY A 10 -24.93 -23.85 -29.22
CA GLY A 10 -25.09 -24.94 -30.16
C GLY A 10 -25.67 -24.48 -31.48
N LEU A 11 -26.34 -25.40 -32.16
CA LEU A 11 -26.94 -25.15 -33.46
C LEU A 11 -28.45 -25.26 -33.32
N VAL A 12 -29.16 -24.30 -33.87
CA VAL A 12 -30.62 -24.29 -33.83
C VAL A 12 -31.12 -23.76 -35.16
N GLN A 13 -32.27 -24.27 -35.57
CA GLN A 13 -32.90 -23.84 -36.80
C GLN A 13 -33.56 -22.49 -36.59
N PRO A 14 -33.84 -21.75 -37.65
CA PRO A 14 -34.55 -20.47 -37.50
C PRO A 14 -35.92 -20.67 -36.86
N GLY A 15 -36.25 -19.75 -35.95
CA GLY A 15 -37.48 -19.81 -35.19
C GLY A 15 -37.42 -20.64 -33.92
N GLY A 16 -36.31 -21.33 -33.69
CA GLY A 16 -36.18 -22.18 -32.52
C GLY A 16 -35.85 -21.41 -31.27
N SER A 17 -35.40 -22.15 -30.26
CA SER A 17 -35.07 -21.58 -28.95
C SER A 17 -33.78 -22.19 -28.43
N LEU A 18 -33.06 -21.42 -27.61
CA LEU A 18 -31.80 -21.87 -27.04
C LEU A 18 -31.51 -21.05 -25.77
N ARG A 19 -31.10 -21.73 -24.70
CA ARG A 19 -30.87 -21.09 -23.41
C ARG A 19 -29.39 -21.15 -23.07
N LEU A 20 -28.75 -19.99 -23.03
CA LEU A 20 -27.34 -19.89 -22.67
C LEU A 20 -27.20 -19.65 -21.18
N SER A 21 -26.19 -20.27 -20.59
CA SER A 21 -25.94 -20.19 -19.16
C SER A 21 -24.56 -19.61 -18.91
N CYS A 22 -24.44 -18.85 -17.81
CA CYS A 22 -23.21 -18.15 -17.44
C CYS A 22 -23.00 -18.38 -15.94
N ALA A 23 -22.10 -19.31 -15.62
CA ALA A 23 -21.79 -19.64 -14.24
C ALA A 23 -20.61 -18.79 -13.77
N ALA A 24 -20.77 -18.16 -12.61
CA ALA A 24 -19.78 -17.27 -12.04
C ALA A 24 -19.15 -17.92 -10.81
N SER A 25 -17.86 -17.64 -10.63
CA SER A 25 -17.10 -18.16 -9.51
C SER A 25 -16.16 -17.07 -9.00
N GLY A 26 -15.85 -17.13 -7.71
CA GLY A 26 -14.99 -16.14 -7.11
C GLY A 26 -15.65 -14.84 -6.73
N PHE A 27 -16.97 -14.73 -6.89
CA PHE A 27 -17.69 -13.53 -6.48
C PHE A 27 -19.18 -13.82 -6.46
N ASP A 28 -19.88 -13.05 -5.64
CA ASP A 28 -21.33 -13.19 -5.47
C ASP A 28 -22.04 -12.17 -6.36
N LEU A 29 -23.09 -12.63 -7.04
CA LEU A 29 -23.75 -11.79 -8.03
C LEU A 29 -24.34 -10.52 -7.43
N GLY A 30 -24.63 -10.51 -6.13
CA GLY A 30 -25.20 -9.33 -5.49
C GLY A 30 -24.47 -8.05 -5.81
N GLY A 31 -25.22 -6.96 -5.93
CA GLY A 31 -24.63 -5.66 -6.19
C GLY A 31 -24.04 -5.48 -7.57
N TYR A 32 -24.06 -6.51 -8.41
CA TYR A 32 -23.53 -6.46 -9.75
C TYR A 32 -24.67 -6.53 -10.76
N SER A 33 -24.33 -6.21 -12.01
CA SER A 33 -25.23 -6.38 -13.14
C SER A 33 -24.57 -7.25 -14.18
N MET A 34 -25.24 -8.32 -14.58
CA MET A 34 -24.72 -9.25 -15.58
C MET A 34 -25.27 -8.86 -16.96
N HIS A 35 -24.41 -8.90 -17.96
CA HIS A 35 -24.75 -8.52 -19.33
C HIS A 35 -24.40 -9.62 -20.31
N TRP A 36 -25.13 -9.64 -21.42
CA TRP A 36 -24.84 -10.53 -22.55
C TRP A 36 -24.46 -9.68 -23.73
N VAL A 37 -23.25 -9.89 -24.25
CA VAL A 37 -22.73 -9.12 -25.37
C VAL A 37 -22.39 -10.10 -26.48
N ARG A 38 -22.94 -9.86 -27.67
CA ARG A 38 -22.73 -10.76 -28.79
C ARG A 38 -21.90 -10.08 -29.86
N GLN A 39 -21.20 -10.90 -30.63
CA GLN A 39 -20.32 -10.42 -31.69
C GLN A 39 -20.54 -11.31 -32.90
N ALA A 40 -21.13 -10.76 -33.95
CA ALA A 40 -21.26 -11.49 -35.19
C ALA A 40 -19.89 -11.64 -35.85
N PRO A 41 -19.67 -12.72 -36.60
CA PRO A 41 -18.35 -12.94 -37.20
C PRO A 41 -17.80 -11.70 -37.90
N GLY A 42 -16.59 -11.32 -37.52
CA GLY A 42 -15.89 -10.23 -38.20
C GLY A 42 -16.56 -8.89 -38.11
N LYS A 43 -17.39 -8.67 -37.09
CA LYS A 43 -18.13 -7.42 -36.92
C LYS A 43 -17.89 -6.88 -35.52
N GLY A 44 -18.45 -5.70 -35.25
CA GLY A 44 -18.27 -5.07 -33.96
C GLY A 44 -18.92 -5.87 -32.84
N LEU A 45 -18.89 -5.27 -31.64
CA LEU A 45 -19.58 -5.83 -30.48
C LEU A 45 -20.94 -5.15 -30.32
N GLU A 46 -21.95 -5.94 -29.99
CA GLU A 46 -23.30 -5.44 -29.78
C GLU A 46 -23.83 -5.92 -28.45
N TRP A 47 -24.28 -4.99 -27.61
CA TRP A 47 -24.93 -5.34 -26.37
C TRP A 47 -26.33 -5.88 -26.63
N VAL A 48 -26.76 -6.82 -25.78
CA VAL A 48 -28.03 -7.50 -25.98
C VAL A 48 -28.97 -7.32 -24.79
N ALA A 49 -28.53 -7.70 -23.60
CA ALA A 49 -29.40 -7.60 -22.43
C ALA A 49 -28.56 -7.52 -21.17
N GLY A 50 -29.22 -7.14 -20.08
CA GLY A 50 -28.56 -7.01 -18.79
C GLY A 50 -29.58 -7.09 -17.67
N ILE A 51 -29.07 -7.48 -16.50
CA ILE A 51 -29.92 -7.73 -15.34
C ILE A 51 -29.16 -7.38 -14.06
N TYR A 52 -29.83 -6.65 -13.16
CA TYR A 52 -29.32 -6.45 -11.81
C TYR A 52 -29.73 -7.66 -10.96
N ALA A 53 -28.75 -8.48 -10.58
CA ALA A 53 -29.04 -9.76 -9.94
C ALA A 53 -29.90 -9.56 -8.68
N SER A 54 -29.52 -8.62 -7.83
CA SER A 54 -30.21 -8.41 -6.57
C SER A 54 -31.69 -8.10 -6.78
N GLY A 55 -31.97 -6.91 -7.32
CA GLY A 55 -33.34 -6.48 -7.47
C GLY A 55 -34.13 -7.25 -8.51
N GLY A 56 -33.45 -7.82 -9.50
CA GLY A 56 -34.11 -8.51 -10.58
C GLY A 56 -34.49 -7.64 -11.77
N ALA A 57 -34.19 -6.35 -11.73
CA ALA A 57 -34.50 -5.46 -12.83
C ALA A 57 -33.75 -5.86 -14.10
N THR A 58 -34.43 -5.74 -15.25
CA THR A 58 -33.89 -6.18 -16.52
C THR A 58 -33.90 -5.04 -17.54
N ALA A 59 -33.06 -5.19 -18.57
CA ALA A 59 -32.97 -4.24 -19.67
C ALA A 59 -32.52 -4.98 -20.91
N TYR A 60 -33.13 -4.66 -22.06
CA TYR A 60 -32.83 -5.36 -23.31
C TYR A 60 -32.53 -4.35 -24.40
N ALA A 61 -31.80 -4.81 -25.43
CA ALA A 61 -31.55 -3.99 -26.60
C ALA A 61 -32.75 -4.02 -27.52
N ASP A 62 -32.95 -2.92 -28.27
CA ASP A 62 -34.14 -2.83 -29.10
C ASP A 62 -34.22 -3.97 -30.11
N SER A 63 -33.07 -4.43 -30.61
CA SER A 63 -33.05 -5.38 -31.71
C SER A 63 -33.57 -6.75 -31.32
N VAL A 64 -33.57 -7.10 -30.03
CA VAL A 64 -34.03 -8.41 -29.60
C VAL A 64 -35.09 -8.29 -28.50
N LYS A 65 -35.65 -7.10 -28.33
CA LYS A 65 -36.67 -6.92 -27.29
C LYS A 65 -37.83 -7.90 -27.53
N GLY A 66 -38.27 -8.55 -26.47
CA GLY A 66 -39.40 -9.47 -26.54
C GLY A 66 -39.03 -10.90 -26.86
N ARG A 67 -38.13 -11.11 -27.80
CA ARG A 67 -37.72 -12.47 -28.14
C ARG A 67 -36.86 -13.08 -27.03
N PHE A 68 -35.90 -12.31 -26.52
CA PHE A 68 -35.00 -12.81 -25.49
C PHE A 68 -35.51 -12.46 -24.09
N THR A 69 -34.99 -13.21 -23.12
CA THR A 69 -35.38 -13.07 -21.72
C THR A 69 -34.16 -13.39 -20.86
N ILE A 70 -33.75 -12.44 -20.02
CA ILE A 70 -32.57 -12.59 -19.18
C ILE A 70 -33.02 -12.81 -17.75
N SER A 71 -32.37 -13.76 -17.07
CA SER A 71 -32.75 -14.12 -15.71
C SER A 71 -31.49 -14.38 -14.89
N ALA A 72 -31.66 -14.54 -13.58
CA ALA A 72 -30.52 -14.82 -12.72
C ALA A 72 -30.97 -15.61 -11.50
N ASP A 73 -30.02 -16.35 -10.92
CA ASP A 73 -30.25 -17.11 -9.70
C ASP A 73 -29.10 -16.87 -8.74
N THR A 74 -29.44 -16.43 -7.52
CA THR A 74 -28.45 -15.99 -6.54
C THR A 74 -27.89 -17.15 -5.74
N SER A 75 -28.69 -18.19 -5.49
CA SER A 75 -28.15 -19.38 -4.83
C SER A 75 -27.23 -20.15 -5.76
N LYS A 76 -27.65 -20.36 -7.01
CA LYS A 76 -26.76 -20.96 -8.01
C LYS A 76 -25.64 -20.02 -8.41
N ASN A 77 -25.79 -18.73 -8.14
CA ASN A 77 -24.83 -17.73 -8.59
C ASN A 77 -24.54 -17.86 -10.08
N THR A 78 -25.61 -17.94 -10.87
CA THR A 78 -25.45 -17.98 -12.32
C THR A 78 -26.52 -17.10 -12.98
N ALA A 79 -26.31 -16.82 -14.27
CA ALA A 79 -27.20 -15.96 -15.05
C ALA A 79 -27.55 -16.66 -16.35
N TYR A 80 -28.76 -16.39 -16.85
CA TYR A 80 -29.29 -17.11 -17.99
C TYR A 80 -29.83 -16.15 -19.04
N LEU A 81 -29.71 -16.55 -20.31
CA LEU A 81 -30.31 -15.85 -21.43
C LEU A 81 -31.12 -16.84 -22.24
N GLN A 82 -32.44 -16.78 -22.13
CA GLN A 82 -33.35 -17.55 -22.96
C GLN A 82 -33.56 -16.82 -24.28
N MET A 83 -33.37 -17.52 -25.40
CA MET A 83 -33.46 -16.93 -26.73
C MET A 83 -34.52 -17.69 -27.52
N ASN A 84 -35.65 -17.04 -27.77
CA ASN A 84 -36.75 -17.64 -28.50
C ASN A 84 -36.95 -16.91 -29.83
N SER A 85 -37.63 -17.57 -30.75
CA SER A 85 -37.90 -17.00 -32.07
C SER A 85 -36.61 -16.50 -32.72
N LEU A 86 -35.59 -17.35 -32.67
CA LEU A 86 -34.28 -16.97 -33.19
C LEU A 86 -34.34 -16.76 -34.70
N ARG A 87 -33.40 -15.94 -35.18
CA ARG A 87 -33.28 -15.59 -36.59
C ARG A 87 -31.83 -15.76 -36.99
N ALA A 88 -31.57 -15.78 -38.30
CA ALA A 88 -30.20 -15.94 -38.76
C ALA A 88 -29.34 -14.75 -38.34
N GLU A 89 -29.95 -13.57 -38.25
CA GLU A 89 -29.24 -12.37 -37.85
C GLU A 89 -28.64 -12.50 -36.45
N ASP A 90 -29.18 -13.39 -35.63
CA ASP A 90 -28.72 -13.56 -34.27
C ASP A 90 -27.50 -14.45 -34.15
N THR A 91 -27.11 -15.11 -35.24
CA THR A 91 -25.94 -15.98 -35.22
C THR A 91 -24.71 -15.17 -34.81
N ALA A 92 -24.04 -15.61 -33.74
CA ALA A 92 -22.88 -14.89 -33.26
C ALA A 92 -22.21 -15.59 -32.08
N VAL A 93 -21.10 -15.01 -31.60
CA VAL A 93 -20.46 -15.46 -30.37
C VAL A 93 -21.06 -14.67 -29.21
N TYR A 94 -21.66 -15.38 -28.26
CA TYR A 94 -22.30 -14.77 -27.10
C TYR A 94 -21.38 -14.87 -25.90
N TYR A 95 -21.01 -13.70 -25.35
CA TYR A 95 -20.25 -13.59 -24.13
C TYR A 95 -21.16 -13.10 -23.00
N CYS A 96 -20.83 -13.47 -21.77
CA CYS A 96 -21.44 -12.89 -20.59
C CYS A 96 -20.37 -12.12 -19.82
N ALA A 97 -20.75 -10.96 -19.29
CA ALA A 97 -19.83 -10.11 -18.54
C ALA A 97 -20.55 -9.51 -17.35
N ARG A 98 -19.79 -8.84 -16.49
CA ARG A 98 -20.36 -8.19 -15.32
C ARG A 98 -19.89 -6.75 -15.24
N SER A 99 -20.74 -5.92 -14.64
CA SER A 99 -20.41 -4.52 -14.36
C SER A 99 -20.89 -4.22 -12.94
N TYR A 100 -20.29 -3.20 -12.33
CA TYR A 100 -20.73 -2.78 -11.01
C TYR A 100 -21.92 -1.83 -11.13
N TYR A 101 -22.89 -1.99 -10.23
CA TYR A 101 -24.05 -1.12 -10.19
C TYR A 101 -24.87 -1.26 -11.46
N TYR A 102 -25.98 -0.51 -11.56
CA TYR A 102 -26.79 -0.57 -12.78
C TYR A 102 -26.06 0.01 -13.98
N GLY A 103 -25.05 0.85 -13.77
CA GLY A 103 -24.31 1.38 -14.89
C GLY A 103 -23.22 2.32 -14.42
N GLY A 104 -22.54 2.92 -15.40
CA GLY A 104 -21.46 3.84 -15.13
C GLY A 104 -20.10 3.21 -15.07
N PHE A 105 -20.03 1.89 -14.96
CA PHE A 105 -18.79 1.14 -14.83
C PHE A 105 -18.60 0.23 -16.05
N GLY A 106 -17.40 -0.32 -16.15
CA GLY A 106 -17.05 -1.21 -17.24
C GLY A 106 -17.33 -2.66 -16.91
N MET A 107 -16.91 -3.54 -17.83
CA MET A 107 -17.11 -4.98 -17.74
C MET A 107 -15.79 -5.63 -17.30
N ASP A 108 -15.72 -6.02 -16.01
CA ASP A 108 -14.46 -6.50 -15.46
C ASP A 108 -14.03 -7.80 -16.12
N TYR A 109 -14.90 -8.81 -16.06
CA TYR A 109 -14.56 -10.17 -16.45
C TYR A 109 -15.56 -10.66 -17.49
N TRP A 110 -15.04 -11.27 -18.55
CA TRP A 110 -15.84 -11.85 -19.61
C TRP A 110 -15.60 -13.35 -19.64
N GLY A 111 -16.63 -14.12 -19.98
CA GLY A 111 -16.43 -15.51 -20.29
C GLY A 111 -15.71 -15.68 -21.62
N GLN A 112 -15.26 -16.91 -21.88
CA GLN A 112 -14.54 -17.15 -23.13
C GLN A 112 -15.48 -17.14 -24.33
N GLY A 113 -16.78 -17.26 -24.11
CA GLY A 113 -17.76 -17.10 -25.15
C GLY A 113 -18.25 -18.43 -25.68
N THR A 114 -19.47 -18.42 -26.22
CA THR A 114 -20.06 -19.62 -26.80
C THR A 114 -20.70 -19.27 -28.15
N LEU A 115 -20.50 -20.14 -29.13
CA LEU A 115 -20.97 -19.88 -30.48
C LEU A 115 -22.42 -20.34 -30.64
N VAL A 116 -23.23 -19.49 -31.28
CA VAL A 116 -24.63 -19.81 -31.59
C VAL A 116 -24.81 -19.60 -33.08
N THR A 117 -25.24 -20.66 -33.77
CA THR A 117 -25.46 -20.64 -35.21
C THR A 117 -26.94 -20.90 -35.49
N VAL A 118 -27.56 -20.02 -36.25
CA VAL A 118 -28.98 -20.12 -36.58
C VAL A 118 -29.06 -20.30 -38.09
N SER A 119 -29.26 -21.55 -38.52
CA SER A 119 -29.33 -21.86 -39.94
C SER A 119 -30.22 -23.07 -40.13
N SER A 120 -31.02 -23.03 -41.18
CA SER A 120 -31.84 -24.18 -41.55
C SER A 120 -30.98 -25.35 -42.01
N ALA A 121 -29.72 -25.09 -42.36
CA ALA A 121 -28.84 -26.15 -42.83
C ALA A 121 -28.62 -27.20 -41.74
N SER A 122 -28.38 -28.43 -42.17
CA SER A 122 -28.14 -29.54 -41.26
C SER A 122 -26.64 -29.80 -41.14
N THR A 123 -26.26 -30.44 -40.02
CA THR A 123 -24.85 -30.63 -39.70
C THR A 123 -24.25 -31.68 -40.63
N LYS A 124 -23.26 -31.28 -41.42
CA LYS A 124 -22.67 -32.15 -42.43
C LYS A 124 -21.16 -32.27 -42.21
N GLY A 125 -20.62 -33.42 -42.63
CA GLY A 125 -19.20 -33.65 -42.60
C GLY A 125 -18.47 -33.00 -43.74
N PRO A 126 -17.21 -32.62 -43.51
CA PRO A 126 -16.44 -31.92 -44.54
C PRO A 126 -15.87 -32.86 -45.60
N SER A 127 -15.84 -32.37 -46.84
CA SER A 127 -15.17 -33.06 -47.94
C SER A 127 -13.80 -32.44 -48.14
N VAL A 128 -12.77 -33.29 -48.15
CA VAL A 128 -11.38 -32.84 -48.22
C VAL A 128 -10.82 -33.17 -49.59
N PHE A 129 -10.25 -32.15 -50.25
CA PHE A 129 -9.68 -32.29 -51.58
C PHE A 129 -8.25 -31.77 -51.62
N PRO A 130 -7.38 -32.39 -52.41
CA PRO A 130 -5.98 -31.97 -52.45
C PRO A 130 -5.78 -30.75 -53.31
N LEU A 131 -4.71 -30.00 -53.00
CA LEU A 131 -4.28 -28.86 -53.80
C LEU A 131 -2.79 -29.14 -54.06
N ALA A 132 -2.49 -29.86 -55.16
CA ALA A 132 -1.14 -30.36 -55.41
C ALA A 132 -0.21 -29.26 -55.91
N PRO A 133 1.09 -29.35 -55.59
CA PRO A 133 2.02 -28.32 -56.05
C PRO A 133 2.27 -28.41 -57.56
N SER A 134 2.27 -27.25 -58.20
CA SER A 134 2.40 -27.20 -59.65
C SER A 134 3.65 -27.97 -60.09
N SER A 135 3.50 -28.69 -61.20
CA SER A 135 4.65 -29.41 -61.75
C SER A 135 5.72 -28.44 -62.23
N LYS A 136 5.30 -27.31 -62.82
CA LYS A 136 6.23 -26.29 -63.29
C LYS A 136 6.46 -25.31 -62.14
N SER A 137 7.25 -25.75 -61.16
CA SER A 137 7.61 -24.96 -60.00
C SER A 137 9.12 -24.76 -60.02
N THR A 138 9.54 -23.49 -59.93
CA THR A 138 10.96 -23.17 -60.00
C THR A 138 11.74 -23.96 -58.96
N SER A 139 12.94 -24.40 -59.33
CA SER A 139 13.77 -25.18 -58.42
C SER A 139 14.30 -24.33 -57.28
N GLY A 140 14.85 -23.15 -57.61
CA GLY A 140 15.27 -22.25 -56.55
C GLY A 140 14.09 -21.73 -55.74
N GLY A 141 12.99 -21.43 -56.41
CA GLY A 141 11.79 -21.01 -55.72
C GLY A 141 11.25 -22.11 -54.84
N THR A 142 10.14 -21.84 -54.15
CA THR A 142 9.49 -22.81 -53.29
C THR A 142 8.05 -22.99 -53.76
N ALA A 143 7.72 -24.21 -54.17
CA ALA A 143 6.36 -24.50 -54.63
C ALA A 143 5.41 -24.54 -53.43
N ALA A 144 4.14 -24.26 -53.70
CA ALA A 144 3.11 -24.19 -52.66
C ALA A 144 2.10 -25.32 -52.85
N LEU A 145 1.55 -25.81 -51.74
CA LEU A 145 0.58 -26.90 -51.78
C LEU A 145 -0.40 -26.73 -50.63
N GLY A 146 -1.47 -27.52 -50.65
CA GLY A 146 -2.45 -27.40 -49.58
C GLY A 146 -3.58 -28.41 -49.65
N CYS A 147 -4.57 -28.14 -48.80
CA CYS A 147 -5.78 -28.94 -48.63
C CYS A 147 -6.98 -28.01 -48.68
N LEU A 148 -8.10 -28.51 -49.19
CA LEU A 148 -9.33 -27.73 -49.34
C LEU A 148 -10.47 -28.45 -48.65
N VAL A 149 -11.09 -27.80 -47.67
CA VAL A 149 -12.25 -28.33 -46.95
C VAL A 149 -13.49 -27.64 -47.48
N LYS A 150 -14.47 -28.42 -47.95
CA LYS A 150 -15.68 -27.89 -48.56
C LYS A 150 -16.91 -28.59 -48.00
N ASP A 151 -18.01 -27.82 -47.86
CA ASP A 151 -19.33 -28.39 -47.59
C ASP A 151 -19.40 -29.06 -46.22
N TYR A 152 -19.09 -28.28 -45.18
CA TYR A 152 -19.31 -28.63 -43.78
C TYR A 152 -20.06 -27.46 -43.16
N PHE A 153 -21.14 -27.73 -42.43
CA PHE A 153 -21.97 -26.61 -42.03
C PHE A 153 -21.65 -26.08 -40.63
N PRO A 154 -21.59 -26.92 -39.60
CA PRO A 154 -21.21 -26.42 -38.26
C PRO A 154 -19.82 -25.79 -38.31
N GLU A 155 -19.74 -24.50 -37.96
CA GLU A 155 -18.54 -23.73 -38.27
C GLU A 155 -17.26 -24.29 -37.66
N PRO A 156 -17.22 -24.73 -36.40
CA PRO A 156 -15.92 -25.10 -35.81
C PRO A 156 -15.24 -26.21 -36.60
N VAL A 157 -14.01 -25.92 -37.07
CA VAL A 157 -13.17 -26.90 -37.73
C VAL A 157 -11.73 -26.65 -37.31
N THR A 158 -10.94 -27.73 -37.26
CA THR A 158 -9.53 -27.62 -36.95
C THR A 158 -8.71 -28.34 -38.02
N VAL A 159 -7.53 -27.79 -38.30
CA VAL A 159 -6.64 -28.32 -39.32
C VAL A 159 -5.22 -28.32 -38.77
N SER A 160 -4.45 -29.35 -39.15
CA SER A 160 -3.06 -29.46 -38.76
C SER A 160 -2.28 -30.05 -39.93
N TRP A 161 -0.96 -29.85 -39.91
CA TRP A 161 -0.09 -30.32 -40.97
C TRP A 161 0.89 -31.33 -40.38
N ASN A 162 0.75 -32.59 -40.80
CA ASN A 162 1.61 -33.66 -40.33
C ASN A 162 1.54 -33.80 -38.81
N SER A 163 0.30 -33.87 -38.32
CA SER A 163 0.05 -34.06 -36.88
C SER A 163 0.77 -33.03 -36.03
N GLY A 164 0.94 -31.82 -36.56
CA GLY A 164 1.56 -30.74 -35.83
C GLY A 164 3.03 -30.53 -36.11
N ALA A 165 3.60 -31.20 -37.12
CA ALA A 165 5.03 -31.11 -37.36
C ALA A 165 5.41 -29.86 -38.15
N LEU A 166 4.52 -29.39 -39.02
CA LEU A 166 4.82 -28.26 -39.89
C LEU A 166 4.06 -27.05 -39.35
N THR A 167 4.77 -26.22 -38.57
CA THR A 167 4.18 -25.02 -37.98
C THR A 167 4.76 -23.75 -38.57
N SER A 168 5.40 -23.85 -39.73
CA SER A 168 6.09 -22.71 -40.34
C SER A 168 5.66 -22.56 -41.80
N GLY A 169 5.47 -21.31 -42.21
CA GLY A 169 5.02 -21.02 -43.55
C GLY A 169 3.63 -21.51 -43.88
N VAL A 170 2.83 -21.77 -42.87
CA VAL A 170 1.48 -22.30 -43.05
C VAL A 170 0.50 -21.16 -42.92
N HIS A 171 -0.53 -21.16 -43.76
CA HIS A 171 -1.59 -20.17 -43.72
C HIS A 171 -2.90 -20.91 -43.87
N THR A 172 -3.78 -20.80 -42.87
CA THR A 172 -5.09 -21.44 -42.90
C THR A 172 -6.16 -20.34 -42.96
N PHE A 173 -6.78 -20.18 -44.12
CA PHE A 173 -7.71 -19.06 -44.30
C PHE A 173 -9.00 -19.28 -43.52
N PRO A 174 -9.68 -18.19 -43.17
CA PRO A 174 -10.98 -18.33 -42.51
C PRO A 174 -12.05 -18.80 -43.49
N ALA A 175 -13.02 -19.55 -42.96
CA ALA A 175 -14.07 -20.11 -43.78
C ALA A 175 -14.96 -19.00 -44.35
N VAL A 176 -15.67 -19.34 -45.43
CA VAL A 176 -16.62 -18.44 -46.07
C VAL A 176 -17.95 -19.18 -46.21
N LEU A 177 -19.05 -18.44 -46.07
CA LEU A 177 -20.39 -19.03 -46.14
C LEU A 177 -20.83 -19.06 -47.60
N GLN A 178 -21.03 -20.26 -48.12
CA GLN A 178 -21.42 -20.46 -49.51
C GLN A 178 -22.90 -20.18 -49.70
N SER A 179 -23.29 -19.98 -50.97
CA SER A 179 -24.69 -19.78 -51.29
C SER A 179 -25.55 -20.96 -50.86
N SER A 180 -24.95 -22.16 -50.80
CA SER A 180 -25.68 -23.33 -50.31
C SER A 180 -26.05 -23.20 -48.83
N GLY A 181 -25.26 -22.46 -48.06
CA GLY A 181 -25.38 -22.42 -46.63
C GLY A 181 -24.35 -23.24 -45.89
N LEU A 182 -23.48 -23.94 -46.61
CA LEU A 182 -22.35 -24.65 -46.04
C LEU A 182 -21.08 -23.83 -46.15
N TYR A 183 -20.16 -24.09 -45.21
CA TYR A 183 -18.89 -23.39 -45.12
C TYR A 183 -17.82 -24.12 -45.96
N SER A 184 -16.80 -23.36 -46.34
CA SER A 184 -15.69 -23.92 -47.10
C SER A 184 -14.45 -23.05 -46.92
N LEU A 185 -13.34 -23.67 -46.51
CA LEU A 185 -12.08 -22.98 -46.30
C LEU A 185 -10.97 -23.83 -46.86
N SER A 186 -9.75 -23.29 -46.86
CA SER A 186 -8.61 -23.98 -47.43
C SER A 186 -7.36 -23.60 -46.64
N SER A 187 -6.48 -24.58 -46.45
CA SER A 187 -5.21 -24.37 -45.75
C SER A 187 -4.07 -24.70 -46.70
N VAL A 188 -2.97 -23.95 -46.60
CA VAL A 188 -1.86 -24.10 -47.52
C VAL A 188 -0.54 -23.94 -46.78
N VAL A 189 0.52 -24.43 -47.41
CA VAL A 189 1.86 -24.40 -46.85
C VAL A 189 2.86 -24.31 -48.01
N THR A 190 3.92 -23.53 -47.79
CA THR A 190 4.99 -23.33 -48.75
C THR A 190 6.21 -24.12 -48.29
N VAL A 191 6.70 -25.02 -49.12
CA VAL A 191 7.86 -25.85 -48.78
C VAL A 191 8.84 -25.83 -49.95
N PRO A 192 10.09 -26.22 -49.70
CA PRO A 192 11.10 -26.19 -50.77
C PRO A 192 10.81 -27.18 -51.89
N SER A 193 11.01 -26.73 -53.13
CA SER A 193 10.69 -27.58 -54.28
C SER A 193 11.49 -28.87 -54.27
N SER A 194 12.69 -28.84 -53.72
CA SER A 194 13.55 -30.02 -53.69
C SER A 194 12.91 -31.14 -52.87
N SER A 195 12.40 -30.82 -51.69
CA SER A 195 11.84 -31.83 -50.80
C SER A 195 10.44 -32.27 -51.21
N LEU A 196 10.02 -31.99 -52.44
CA LEU A 196 8.68 -32.40 -52.88
C LEU A 196 8.62 -33.91 -53.04
N GLY A 197 9.58 -34.48 -53.80
CA GLY A 197 9.59 -35.92 -53.99
C GLY A 197 10.01 -36.69 -52.74
N THR A 198 10.92 -36.11 -51.95
CA THR A 198 11.45 -36.83 -50.80
C THR A 198 10.42 -36.92 -49.67
N GLN A 199 9.86 -35.78 -49.27
CA GLN A 199 8.98 -35.72 -48.11
C GLN A 199 7.54 -36.06 -48.49
N THR A 200 6.76 -36.41 -47.46
CA THR A 200 5.34 -36.72 -47.60
C THR A 200 4.55 -35.77 -46.71
N TYR A 201 3.55 -35.10 -47.28
CA TYR A 201 2.80 -34.04 -46.62
C TYR A 201 1.35 -34.46 -46.45
N ILE A 202 0.82 -34.29 -45.23
CA ILE A 202 -0.52 -34.73 -44.87
C ILE A 202 -1.27 -33.58 -44.23
N CYS A 203 -2.50 -33.35 -44.67
CA CYS A 203 -3.41 -32.41 -44.05
C CYS A 203 -4.37 -33.21 -43.17
N ASN A 204 -4.49 -32.82 -41.90
CA ASN A 204 -5.34 -33.50 -40.92
C ASN A 204 -6.49 -32.56 -40.56
N VAL A 205 -7.71 -32.96 -40.88
CA VAL A 205 -8.89 -32.13 -40.67
C VAL A 205 -9.79 -32.80 -39.65
N ASN A 206 -10.30 -32.01 -38.71
CA ASN A 206 -11.17 -32.49 -37.64
C ASN A 206 -12.39 -31.59 -37.59
N HIS A 207 -13.57 -32.22 -37.57
CA HIS A 207 -14.87 -31.57 -37.47
C HIS A 207 -15.56 -32.17 -36.25
N LYS A 208 -15.45 -31.53 -35.10
CA LYS A 208 -15.99 -32.06 -33.86
C LYS A 208 -17.52 -32.14 -33.89
N PRO A 209 -18.21 -31.16 -34.50
CA PRO A 209 -19.70 -31.22 -34.46
C PRO A 209 -20.31 -32.46 -35.09
N SER A 210 -19.87 -32.84 -36.28
CA SER A 210 -20.34 -34.08 -36.91
C SER A 210 -19.48 -35.27 -36.52
N ASN A 211 -18.41 -35.03 -35.75
CA ASN A 211 -17.49 -36.06 -35.30
C ASN A 211 -16.83 -36.77 -36.50
N THR A 212 -16.26 -35.96 -37.39
CA THR A 212 -15.63 -36.45 -38.60
C THR A 212 -14.17 -36.01 -38.60
N LYS A 213 -13.26 -36.97 -38.45
CA LYS A 213 -11.83 -36.72 -38.50
C LYS A 213 -11.26 -37.48 -39.69
N VAL A 214 -10.45 -36.81 -40.51
CA VAL A 214 -9.86 -37.44 -41.70
C VAL A 214 -8.49 -36.83 -41.96
N ASP A 215 -7.70 -37.53 -42.77
CA ASP A 215 -6.41 -37.05 -43.24
C ASP A 215 -6.29 -37.32 -44.74
N LYS A 216 -5.53 -36.46 -45.42
CA LYS A 216 -5.32 -36.62 -46.87
C LYS A 216 -3.91 -36.15 -47.22
N LYS A 217 -3.24 -36.94 -48.07
CA LYS A 217 -1.86 -36.65 -48.48
C LYS A 217 -1.84 -35.83 -49.76
N VAL A 218 -0.80 -35.02 -49.91
CA VAL A 218 -0.64 -34.15 -51.07
C VAL A 218 0.58 -34.58 -51.86
N GLU A 219 0.43 -34.67 -53.18
CA GLU A 219 1.46 -35.15 -54.09
C GLU A 219 1.27 -34.42 -55.40
N PRO A 220 2.33 -34.30 -56.21
CA PRO A 220 2.18 -33.71 -57.55
C PRO A 220 1.30 -34.57 -58.46
N LYS A 221 0.91 -33.96 -59.59
CA LYS A 221 0.06 -34.63 -60.57
C LYS A 221 0.87 -35.56 -61.46
N SER A 222 2.01 -35.09 -61.97
CA SER A 222 2.87 -35.87 -62.87
C SER A 222 2.18 -36.16 -64.20
N CYS A 223 1.03 -36.84 -64.16
CA CYS A 223 0.26 -37.18 -65.36
C CYS A 223 1.16 -37.75 -66.46
N ASP B 1 -30.36 6.15 -25.87
CA ASP B 1 -29.97 5.52 -27.17
C ASP B 1 -28.88 6.34 -27.85
N ILE B 2 -27.68 6.31 -27.26
CA ILE B 2 -26.57 7.18 -27.64
C ILE B 2 -25.65 6.43 -28.59
N GLN B 3 -25.00 7.19 -29.47
CA GLN B 3 -24.20 6.66 -30.56
C GLN B 3 -22.73 7.03 -30.34
N MET B 4 -21.84 6.04 -30.40
CA MET B 4 -20.42 6.24 -30.16
C MET B 4 -19.67 6.09 -31.48
N THR B 5 -19.19 7.21 -32.02
CA THR B 5 -18.49 7.23 -33.29
C THR B 5 -16.99 7.13 -33.03
N GLN B 6 -16.36 6.08 -33.57
CA GLN B 6 -14.98 5.73 -33.28
C GLN B 6 -14.08 5.95 -34.49
N SER B 7 -12.91 6.55 -34.24
CA SER B 7 -11.93 6.83 -35.27
C SER B 7 -10.54 6.53 -34.72
N PRO B 8 -9.60 6.07 -35.57
CA PRO B 8 -9.78 5.69 -36.97
C PRO B 8 -10.35 4.28 -37.14
N SER B 9 -10.97 4.00 -38.28
CA SER B 9 -11.45 2.64 -38.54
C SER B 9 -10.30 1.65 -38.57
N SER B 10 -9.18 2.02 -39.18
CA SER B 10 -7.98 1.19 -39.21
C SER B 10 -6.78 2.09 -39.02
N LEU B 11 -5.69 1.51 -38.51
CA LEU B 11 -4.49 2.27 -38.21
C LEU B 11 -3.29 1.34 -38.33
N SER B 12 -2.26 1.78 -39.05
CA SER B 12 -1.00 1.04 -39.17
C SER B 12 0.11 1.88 -38.57
N ALA B 13 0.85 1.30 -37.63
CA ALA B 13 1.92 2.00 -36.94
C ALA B 13 3.00 1.02 -36.51
N SER B 14 4.18 1.57 -36.22
CA SER B 14 5.36 0.79 -35.89
C SER B 14 5.50 0.61 -34.38
N VAL B 15 6.26 -0.43 -33.99
CA VAL B 15 6.47 -0.70 -32.58
C VAL B 15 7.18 0.49 -31.93
N GLY B 16 6.77 0.81 -30.71
CA GLY B 16 7.33 1.94 -29.99
C GLY B 16 6.69 3.29 -30.27
N ASP B 17 5.74 3.33 -31.20
CA ASP B 17 5.04 4.57 -31.53
C ASP B 17 4.02 4.91 -30.45
N ARG B 18 3.57 6.16 -30.45
CA ARG B 18 2.53 6.63 -29.54
C ARG B 18 1.25 6.81 -30.33
N VAL B 19 0.18 6.14 -29.88
CA VAL B 19 -1.04 6.02 -30.66
C VAL B 19 -2.19 6.71 -29.94
N THR B 20 -3.12 7.24 -30.72
CA THR B 20 -4.28 7.95 -30.20
C THR B 20 -5.54 7.49 -30.93
N ILE B 21 -6.58 7.18 -30.16
CA ILE B 21 -7.87 6.72 -30.69
C ILE B 21 -8.96 7.56 -30.05
N THR B 22 -9.94 7.97 -30.86
CA THR B 22 -10.96 8.90 -30.40
C THR B 22 -12.36 8.33 -30.58
N CYS B 23 -13.24 8.68 -29.64
CA CYS B 23 -14.65 8.27 -29.66
C CYS B 23 -15.47 9.48 -29.25
N ARG B 24 -16.40 9.89 -30.11
CA ARG B 24 -17.29 11.01 -29.80
C ARG B 24 -18.71 10.49 -29.62
N ALA B 25 -19.36 10.95 -28.55
CA ALA B 25 -20.70 10.54 -28.18
C ALA B 25 -21.74 11.54 -28.69
N SER B 26 -22.90 11.01 -29.07
CA SER B 26 -23.98 11.87 -29.58
C SER B 26 -24.48 12.83 -28.51
N GLN B 27 -24.54 12.39 -27.25
CA GLN B 27 -24.98 13.22 -26.15
C GLN B 27 -23.93 13.18 -25.04
N SER B 28 -24.17 13.96 -23.97
CA SER B 28 -23.28 13.93 -22.82
C SER B 28 -23.47 12.62 -22.08
N VAL B 29 -22.36 11.97 -21.72
CA VAL B 29 -22.40 10.70 -21.01
C VAL B 29 -21.67 10.79 -19.65
N SER B 30 -21.49 12.01 -19.15
CA SER B 30 -20.64 12.29 -17.98
C SER B 30 -19.31 11.60 -18.25
N SER B 31 -18.80 10.77 -17.34
CA SER B 31 -17.55 10.06 -17.59
C SER B 31 -17.79 8.56 -17.50
N ALA B 32 -18.71 8.04 -18.32
CA ALA B 32 -19.10 6.63 -18.25
C ALA B 32 -18.60 5.83 -19.45
N VAL B 33 -17.48 6.22 -20.03
CA VAL B 33 -16.91 5.51 -21.17
C VAL B 33 -15.83 4.55 -20.67
N ALA B 34 -15.67 3.47 -21.42
CA ALA B 34 -14.71 2.41 -21.14
C ALA B 34 -14.06 1.97 -22.44
N TRP B 35 -12.85 1.42 -22.32
CA TRP B 35 -12.06 0.99 -23.46
C TRP B 35 -11.62 -0.45 -23.27
N TYR B 36 -11.86 -1.28 -24.30
CA TYR B 36 -11.57 -2.69 -24.31
C TYR B 36 -10.61 -3.05 -25.44
N GLN B 37 -9.83 -4.11 -25.22
CA GLN B 37 -8.93 -4.68 -26.22
C GLN B 37 -9.35 -6.11 -26.52
N GLN B 38 -9.38 -6.46 -27.80
CA GLN B 38 -9.73 -7.81 -28.23
C GLN B 38 -8.71 -8.28 -29.25
N LYS B 39 -8.15 -9.47 -29.00
CA LYS B 39 -7.32 -10.20 -29.93
C LYS B 39 -8.15 -11.31 -30.56
N PRO B 40 -7.71 -11.84 -31.71
CA PRO B 40 -8.55 -12.81 -32.43
C PRO B 40 -8.88 -14.04 -31.61
N GLY B 41 -10.16 -14.41 -31.62
CA GLY B 41 -10.62 -15.62 -30.97
C GLY B 41 -10.65 -15.57 -29.47
N LYS B 42 -10.63 -14.37 -28.88
CA LYS B 42 -10.55 -14.19 -27.45
C LYS B 42 -11.59 -13.17 -27.01
N ALA B 43 -12.05 -13.33 -25.77
CA ALA B 43 -12.97 -12.36 -25.21
C ALA B 43 -12.29 -10.98 -25.16
N PRO B 44 -13.07 -9.90 -25.20
CA PRO B 44 -12.48 -8.58 -24.93
C PRO B 44 -11.89 -8.53 -23.53
N LYS B 45 -10.83 -7.75 -23.39
CA LYS B 45 -10.13 -7.53 -22.12
C LYS B 45 -10.30 -6.06 -21.74
N LEU B 46 -10.73 -5.81 -20.50
CA LEU B 46 -10.98 -4.44 -20.06
C LEU B 46 -9.68 -3.69 -19.84
N LEU B 47 -9.57 -2.51 -20.45
CA LEU B 47 -8.42 -1.64 -20.29
C LEU B 47 -8.72 -0.45 -19.39
N ILE B 48 -9.72 0.35 -19.75
CA ILE B 48 -10.03 1.58 -19.00
C ILE B 48 -11.52 1.67 -18.72
N TYR B 49 -11.87 2.29 -17.60
CA TYR B 49 -13.27 2.50 -17.24
C TYR B 49 -13.44 3.90 -16.68
N SER B 50 -14.69 4.35 -16.63
CA SER B 50 -15.06 5.70 -16.22
C SER B 50 -14.15 6.75 -16.86
N ALA B 51 -13.74 6.52 -18.11
CA ALA B 51 -13.02 7.48 -18.93
C ALA B 51 -11.51 7.43 -18.70
N SER B 52 -11.07 7.56 -17.44
CA SER B 52 -9.65 7.76 -17.15
C SER B 52 -9.23 7.05 -15.86
N ASP B 53 -9.63 5.79 -15.71
CA ASP B 53 -9.26 4.98 -14.54
C ASP B 53 -8.64 3.69 -15.03
N LEU B 54 -7.38 3.46 -14.68
CA LEU B 54 -6.72 2.22 -15.08
C LEU B 54 -7.32 1.02 -14.35
N TYR B 55 -7.38 -0.10 -15.04
CA TYR B 55 -7.84 -1.35 -14.44
C TYR B 55 -6.65 -2.11 -13.88
N SER B 56 -6.86 -2.81 -12.78
CA SER B 56 -5.82 -3.64 -12.20
C SER B 56 -5.24 -4.59 -13.25
N GLY B 57 -3.92 -4.75 -13.21
CA GLY B 57 -3.26 -5.65 -14.13
C GLY B 57 -3.23 -5.16 -15.56
N VAL B 58 -3.07 -3.85 -15.77
CA VAL B 58 -3.06 -3.27 -17.10
C VAL B 58 -1.87 -2.33 -17.24
N PRO B 59 -0.98 -2.56 -18.23
CA PRO B 59 0.17 -1.67 -18.43
C PRO B 59 -0.13 -0.19 -18.34
N SER B 60 0.73 0.53 -17.62
CA SER B 60 0.54 1.97 -17.38
C SER B 60 0.66 2.81 -18.64
N ARG B 61 1.14 2.24 -19.76
CA ARG B 61 1.20 3.01 -20.99
C ARG B 61 -0.19 3.44 -21.45
N PHE B 62 -1.22 2.62 -21.16
CA PHE B 62 -2.58 2.94 -21.57
C PHE B 62 -3.12 4.07 -20.71
N SER B 63 -3.62 5.12 -21.34
CA SER B 63 -4.19 6.25 -20.63
C SER B 63 -5.50 6.66 -21.28
N GLY B 64 -6.36 7.28 -20.48
CA GLY B 64 -7.67 7.69 -20.96
C GLY B 64 -7.95 9.13 -20.60
N SER B 65 -8.65 9.82 -21.52
CA SER B 65 -8.85 11.26 -21.41
C SER B 65 -10.27 11.59 -21.84
N ARG B 66 -10.82 12.65 -21.25
CA ARG B 66 -12.14 13.15 -21.61
C ARG B 66 -12.04 14.66 -21.76
N SER B 67 -12.45 15.16 -22.91
CA SER B 67 -12.57 16.59 -23.19
C SER B 67 -14.02 16.81 -23.61
N GLY B 68 -14.85 17.23 -22.66
CA GLY B 68 -16.27 17.41 -22.93
C GLY B 68 -16.91 16.08 -23.28
N THR B 69 -17.42 15.99 -24.51
CA THR B 69 -18.04 14.78 -25.02
C THR B 69 -17.13 14.01 -25.98
N ASP B 70 -15.83 14.34 -26.00
CA ASP B 70 -14.84 13.62 -26.78
C ASP B 70 -13.98 12.80 -25.84
N PHE B 71 -13.80 11.51 -26.13
CA PHE B 71 -13.04 10.62 -25.29
C PHE B 71 -11.87 10.05 -26.07
N THR B 72 -10.76 9.84 -25.38
CA THR B 72 -9.52 9.51 -26.06
C THR B 72 -8.77 8.43 -25.31
N LEU B 73 -8.26 7.47 -26.06
CA LEU B 73 -7.39 6.42 -25.55
C LEU B 73 -6.00 6.64 -26.14
N THR B 74 -4.98 6.60 -25.28
CA THR B 74 -3.62 6.92 -25.68
C THR B 74 -2.68 5.80 -25.25
N ILE B 75 -1.83 5.38 -26.17
CA ILE B 75 -0.73 4.46 -25.86
C ILE B 75 0.55 5.26 -25.95
N SER B 76 1.28 5.28 -24.83
CA SER B 76 2.56 5.99 -24.78
C SER B 76 3.56 5.36 -25.74
N SER B 77 3.81 4.06 -25.58
CA SER B 77 4.69 3.33 -26.47
C SER B 77 4.08 1.97 -26.80
N LEU B 78 4.08 1.61 -28.08
CA LEU B 78 3.50 0.36 -28.51
C LEU B 78 4.44 -0.81 -28.23
N GLN B 79 3.84 -1.97 -27.99
CA GLN B 79 4.58 -3.21 -27.81
C GLN B 79 3.96 -4.32 -28.65
N PRO B 80 4.75 -5.32 -29.03
CA PRO B 80 4.22 -6.36 -29.94
C PRO B 80 2.94 -7.02 -29.50
N GLU B 81 2.64 -6.99 -28.20
CA GLU B 81 1.39 -7.55 -27.70
C GLU B 81 0.22 -6.61 -27.89
N ASP B 82 0.48 -5.31 -28.08
CA ASP B 82 -0.57 -4.31 -28.21
C ASP B 82 -1.21 -4.29 -29.58
N PHE B 83 -0.80 -5.14 -30.50
CA PHE B 83 -1.42 -5.17 -31.82
C PHE B 83 -2.67 -6.02 -31.75
N ALA B 84 -3.81 -5.37 -31.98
CA ALA B 84 -5.12 -5.98 -31.77
C ALA B 84 -6.19 -4.95 -32.09
N THR B 85 -7.45 -5.26 -31.78
CA THR B 85 -8.56 -4.35 -32.04
C THR B 85 -9.03 -3.72 -30.73
N TYR B 86 -9.48 -2.47 -30.82
CA TYR B 86 -9.84 -1.69 -29.65
C TYR B 86 -11.23 -1.12 -29.82
N TYR B 87 -12.07 -1.27 -28.79
CA TYR B 87 -13.44 -0.77 -28.82
C TYR B 87 -13.66 0.21 -27.67
N CYS B 88 -14.54 1.18 -27.89
CA CYS B 88 -15.03 2.04 -26.81
C CYS B 88 -16.48 1.69 -26.54
N GLN B 89 -16.92 1.93 -25.30
CA GLN B 89 -18.24 1.51 -24.86
C GLN B 89 -18.74 2.50 -23.82
N GLN B 90 -20.02 2.86 -23.91
CA GLN B 90 -20.62 3.79 -22.97
C GLN B 90 -21.67 3.05 -22.14
N SER B 91 -21.71 3.35 -20.84
CA SER B 91 -22.68 2.77 -19.93
C SER B 91 -23.53 3.85 -19.26
N TYR B 92 -23.83 4.92 -19.98
CA TYR B 92 -24.60 6.04 -19.46
C TYR B 92 -26.10 5.86 -19.66
N ARG B 93 -26.54 5.76 -20.91
CA ARG B 93 -27.95 5.60 -21.26
C ARG B 93 -28.14 4.27 -21.98
N TYR B 94 -29.00 3.42 -21.45
CA TYR B 94 -29.22 2.14 -22.11
C TYR B 94 -30.08 2.34 -23.36
N PRO B 95 -29.96 1.47 -24.37
CA PRO B 95 -29.04 0.32 -24.44
C PRO B 95 -27.57 0.73 -24.57
N ILE B 96 -26.66 0.02 -23.87
CA ILE B 96 -25.25 0.38 -23.94
C ILE B 96 -24.72 0.07 -25.34
N THR B 97 -23.92 0.98 -25.88
CA THR B 97 -23.49 0.93 -27.27
C THR B 97 -21.98 0.97 -27.38
N PHE B 98 -21.43 0.08 -28.23
CA PHE B 98 -20.01 0.03 -28.46
C PHE B 98 -19.63 0.89 -29.67
N GLY B 99 -18.32 0.97 -29.91
CA GLY B 99 -17.81 1.64 -31.09
C GLY B 99 -17.70 0.70 -32.26
N GLN B 100 -17.53 1.29 -33.44
CA GLN B 100 -17.41 0.50 -34.65
C GLN B 100 -16.19 -0.41 -34.60
N GLY B 101 -15.14 0.04 -33.94
CA GLY B 101 -13.91 -0.72 -33.81
C GLY B 101 -12.74 -0.02 -34.50
N THR B 102 -11.55 -0.18 -33.90
CA THR B 102 -10.30 0.37 -34.44
C THR B 102 -9.29 -0.77 -34.49
N LYS B 103 -8.88 -1.15 -35.69
CA LYS B 103 -7.89 -2.21 -35.85
C LYS B 103 -6.50 -1.60 -35.92
N VAL B 104 -5.57 -2.16 -35.16
CA VAL B 104 -4.19 -1.69 -35.15
C VAL B 104 -3.30 -2.78 -35.74
N GLU B 105 -2.65 -2.45 -36.84
CA GLU B 105 -1.85 -3.39 -37.60
C GLU B 105 -0.40 -2.92 -37.61
N ILE B 106 0.53 -3.88 -37.53
CA ILE B 106 1.94 -3.56 -37.53
C ILE B 106 2.33 -3.12 -38.94
N LYS B 107 2.98 -1.95 -39.04
CA LYS B 107 3.45 -1.46 -40.33
C LYS B 107 4.58 -2.34 -40.84
N ARG B 108 4.70 -2.43 -42.16
CA ARG B 108 5.70 -3.29 -42.78
C ARG B 108 6.00 -2.75 -44.17
N THR B 109 7.24 -2.99 -44.61
CA THR B 109 7.66 -2.60 -45.95
C THR B 109 6.85 -3.33 -47.02
N VAL B 110 6.65 -2.66 -48.16
CA VAL B 110 5.85 -3.25 -49.22
C VAL B 110 6.45 -4.57 -49.67
N ALA B 111 5.60 -5.59 -49.79
CA ALA B 111 6.00 -6.91 -50.27
C ALA B 111 5.04 -7.36 -51.36
N ALA B 112 5.58 -8.07 -52.35
CA ALA B 112 4.74 -8.55 -53.43
C ALA B 112 4.26 -9.96 -53.13
N PRO B 113 3.11 -10.36 -53.67
CA PRO B 113 2.55 -11.67 -53.33
C PRO B 113 3.20 -12.80 -54.10
N SER B 114 3.44 -13.90 -53.41
CA SER B 114 3.79 -15.15 -54.10
C SER B 114 2.48 -15.78 -54.54
N VAL B 115 2.26 -15.84 -55.86
CA VAL B 115 0.98 -16.24 -56.43
C VAL B 115 1.09 -17.65 -56.99
N PHE B 116 0.06 -18.46 -56.72
CA PHE B 116 -0.03 -19.83 -57.18
C PHE B 116 -1.46 -20.12 -57.62
N ILE B 117 -1.61 -21.09 -58.51
CA ILE B 117 -2.89 -21.50 -59.05
C ILE B 117 -3.00 -23.01 -58.88
N PHE B 118 -4.13 -23.47 -58.35
CA PHE B 118 -4.37 -24.88 -58.08
C PHE B 118 -5.59 -25.35 -58.86
N PRO B 119 -5.44 -26.29 -59.79
CA PRO B 119 -6.60 -26.78 -60.54
C PRO B 119 -7.43 -27.73 -59.71
N PRO B 120 -8.65 -28.03 -60.15
CA PRO B 120 -9.53 -28.88 -59.34
C PRO B 120 -9.03 -30.31 -59.28
N SER B 121 -9.15 -30.92 -58.11
CA SER B 121 -8.82 -32.33 -57.97
C SER B 121 -9.77 -33.18 -58.80
N ASP B 122 -9.26 -34.32 -59.27
CA ASP B 122 -10.12 -35.24 -60.02
C ASP B 122 -11.16 -35.88 -59.10
N GLU B 123 -10.76 -36.17 -57.86
CA GLU B 123 -11.70 -36.61 -56.84
C GLU B 123 -12.93 -35.71 -56.80
N GLN B 124 -12.71 -34.40 -56.90
CA GLN B 124 -13.84 -33.47 -56.89
C GLN B 124 -14.65 -33.58 -58.17
N LEU B 125 -13.98 -33.73 -59.32
CA LEU B 125 -14.70 -33.87 -60.58
C LEU B 125 -15.64 -35.07 -60.55
N LYS B 126 -15.27 -36.13 -59.81
CA LYS B 126 -16.18 -37.27 -59.68
C LYS B 126 -17.54 -36.83 -59.14
N SER B 127 -17.55 -35.88 -58.19
CA SER B 127 -18.81 -35.47 -57.57
C SER B 127 -19.63 -34.58 -58.49
N GLY B 128 -18.99 -33.84 -59.39
CA GLY B 128 -19.72 -33.03 -60.35
C GLY B 128 -19.51 -31.53 -60.23
N THR B 129 -18.57 -31.09 -59.40
CA THR B 129 -18.30 -29.67 -59.21
C THR B 129 -16.79 -29.47 -59.19
N ALA B 130 -16.32 -28.38 -59.81
CA ALA B 130 -14.91 -28.09 -59.93
C ALA B 130 -14.60 -26.78 -59.21
N SER B 131 -13.58 -26.82 -58.35
CA SER B 131 -13.13 -25.67 -57.58
C SER B 131 -11.71 -25.33 -58.00
N VAL B 132 -11.52 -24.14 -58.56
CA VAL B 132 -10.21 -23.64 -58.93
C VAL B 132 -9.77 -22.65 -57.87
N VAL B 133 -8.58 -22.85 -57.32
CA VAL B 133 -8.11 -22.00 -56.22
C VAL B 133 -6.97 -21.13 -56.71
N CYS B 134 -6.93 -19.89 -56.21
CA CYS B 134 -5.83 -18.99 -56.46
C CYS B 134 -5.33 -18.48 -55.12
N LEU B 135 -4.03 -18.65 -54.88
CA LEU B 135 -3.39 -18.24 -53.63
C LEU B 135 -2.44 -17.09 -53.92
N LEU B 136 -2.45 -16.07 -53.08
CA LEU B 136 -1.41 -15.05 -53.13
C LEU B 136 -1.00 -14.75 -51.68
N ASN B 137 0.15 -15.26 -51.26
CA ASN B 137 0.53 -15.22 -49.86
C ASN B 137 1.76 -14.35 -49.64
N ASN B 138 1.88 -13.85 -48.40
CA ASN B 138 3.03 -13.10 -47.92
C ASN B 138 3.20 -11.82 -48.74
N PHE B 139 2.22 -10.94 -48.55
CA PHE B 139 2.21 -9.63 -49.17
C PHE B 139 1.73 -8.61 -48.14
N TYR B 140 2.01 -7.33 -48.43
CA TYR B 140 1.63 -6.21 -47.60
C TYR B 140 1.64 -5.03 -48.56
N PRO B 141 0.69 -4.10 -48.48
CA PRO B 141 -0.47 -4.01 -47.59
C PRO B 141 -1.60 -4.98 -47.90
N ARG B 142 -2.62 -4.98 -47.03
CA ARG B 142 -3.75 -5.88 -47.20
C ARG B 142 -4.47 -5.68 -48.52
N GLU B 143 -4.47 -4.46 -49.06
CA GLU B 143 -5.29 -4.19 -50.25
C GLU B 143 -4.74 -4.96 -51.44
N ALA B 144 -5.63 -5.66 -52.15
CA ALA B 144 -5.24 -6.46 -53.29
C ALA B 144 -6.50 -6.80 -54.08
N LYS B 145 -6.31 -7.05 -55.38
CA LYS B 145 -7.44 -7.34 -56.26
C LYS B 145 -7.19 -8.62 -57.03
N VAL B 146 -8.18 -9.51 -57.02
CA VAL B 146 -8.12 -10.76 -57.77
C VAL B 146 -9.23 -10.77 -58.81
N GLN B 147 -8.88 -11.10 -60.05
CA GLN B 147 -9.81 -11.13 -61.17
C GLN B 147 -9.67 -12.48 -61.85
N TRP B 148 -10.78 -13.19 -61.97
CA TRP B 148 -10.80 -14.51 -62.63
C TRP B 148 -11.11 -14.33 -64.11
N LYS B 149 -10.26 -14.90 -64.97
CA LYS B 149 -10.43 -14.81 -66.41
C LYS B 149 -10.46 -16.21 -67.01
N VAL B 150 -11.56 -16.53 -67.70
CA VAL B 150 -11.73 -17.84 -68.32
C VAL B 150 -11.75 -17.64 -69.83
N ASP B 151 -10.67 -18.06 -70.49
CA ASP B 151 -10.47 -17.78 -71.91
C ASP B 151 -10.55 -16.29 -72.18
N ASN B 152 -9.99 -15.50 -71.27
CA ASN B 152 -9.94 -14.05 -71.41
C ASN B 152 -11.31 -13.41 -71.28
N ALA B 153 -12.20 -14.02 -70.48
CA ALA B 153 -13.54 -13.49 -70.23
C ALA B 153 -13.74 -13.46 -68.72
N LEU B 154 -14.05 -12.28 -68.18
CA LEU B 154 -14.14 -12.14 -66.73
C LEU B 154 -15.30 -12.96 -66.18
N GLN B 155 -15.06 -13.64 -65.06
CA GLN B 155 -16.07 -14.47 -64.42
C GLN B 155 -16.50 -13.79 -63.12
N SER B 156 -17.80 -13.52 -63.02
CA SER B 156 -18.37 -12.77 -61.89
C SER B 156 -19.54 -13.55 -61.29
N GLY B 157 -19.64 -13.51 -59.97
CA GLY B 157 -20.76 -14.11 -59.28
C GLY B 157 -20.51 -15.50 -58.75
N ASN B 158 -19.30 -16.02 -58.89
CA ASN B 158 -19.00 -17.38 -58.47
C ASN B 158 -17.62 -17.48 -57.82
N SER B 159 -17.04 -16.36 -57.40
CA SER B 159 -15.72 -16.31 -56.78
C SER B 159 -15.87 -15.77 -55.36
N GLN B 160 -15.17 -16.40 -54.42
CA GLN B 160 -15.21 -16.04 -53.00
C GLN B 160 -13.79 -16.02 -52.46
N GLU B 161 -13.42 -14.96 -51.76
CA GLU B 161 -12.05 -14.85 -51.25
C GLU B 161 -12.05 -14.64 -49.73
N SER B 162 -10.96 -15.10 -49.10
CA SER B 162 -10.75 -14.96 -47.67
C SER B 162 -9.30 -14.54 -47.41
N VAL B 163 -9.12 -13.72 -46.38
CA VAL B 163 -7.85 -13.11 -46.04
C VAL B 163 -7.42 -13.59 -44.67
N THR B 164 -6.12 -13.85 -44.50
CA THR B 164 -5.59 -14.21 -43.20
C THR B 164 -5.28 -12.96 -42.41
N GLU B 165 -4.98 -13.15 -41.13
CA GLU B 165 -4.50 -12.05 -40.29
C GLU B 165 -2.99 -11.96 -40.41
N GLN B 166 -2.44 -10.81 -40.03
CA GLN B 166 -1.00 -10.60 -40.11
C GLN B 166 -0.30 -11.77 -39.43
N ASP B 167 0.76 -12.26 -40.07
CA ASP B 167 1.48 -13.40 -39.53
C ASP B 167 2.19 -13.01 -38.23
N SER B 168 2.37 -14.00 -37.36
CA SER B 168 3.06 -13.75 -36.10
C SER B 168 4.48 -13.24 -36.37
N LYS B 169 5.17 -13.84 -37.32
CA LYS B 169 6.56 -13.53 -37.62
C LYS B 169 6.75 -12.76 -38.92
N ASP B 170 5.90 -13.00 -39.92
CA ASP B 170 6.04 -12.33 -41.21
C ASP B 170 5.47 -10.92 -41.19
N SER B 171 4.36 -10.71 -40.47
CA SER B 171 3.63 -9.44 -40.47
C SER B 171 3.03 -9.15 -41.84
N THR B 172 2.74 -10.22 -42.59
CA THR B 172 2.24 -10.11 -43.96
C THR B 172 0.93 -10.85 -44.09
N TYR B 173 0.12 -10.39 -45.04
CA TYR B 173 -1.19 -10.96 -45.29
C TYR B 173 -1.12 -12.03 -46.38
N SER B 174 -2.12 -12.88 -46.40
CA SER B 174 -2.25 -13.90 -47.43
C SER B 174 -3.72 -13.98 -47.82
N LEU B 175 -3.97 -14.31 -49.08
CA LEU B 175 -5.33 -14.29 -49.60
C LEU B 175 -5.58 -15.54 -50.45
N SER B 176 -6.83 -16.00 -50.40
CA SER B 176 -7.27 -17.19 -51.14
C SER B 176 -8.58 -16.88 -51.82
N SER B 177 -8.60 -16.95 -53.15
CA SER B 177 -9.82 -16.75 -53.92
C SER B 177 -10.18 -18.05 -54.64
N THR B 178 -11.35 -18.60 -54.32
CA THR B 178 -11.83 -19.84 -54.89
C THR B 178 -12.96 -19.56 -55.87
N LEU B 179 -12.90 -20.21 -57.03
CA LEU B 179 -13.89 -20.08 -58.09
C LEU B 179 -14.51 -21.45 -58.31
N THR B 180 -15.79 -21.59 -57.97
CA THR B 180 -16.48 -22.87 -58.04
C THR B 180 -17.50 -22.85 -59.18
N LEU B 181 -17.59 -23.97 -59.91
CA LEU B 181 -18.58 -24.07 -60.97
C LEU B 181 -18.74 -25.53 -61.36
N SER B 182 -19.88 -25.83 -61.99
CA SER B 182 -20.22 -27.22 -62.26
C SER B 182 -19.26 -27.85 -63.25
N LYS B 183 -19.12 -29.17 -63.16
CA LYS B 183 -18.29 -29.90 -64.12
C LYS B 183 -18.71 -29.61 -65.54
N ALA B 184 -20.02 -29.58 -65.80
CA ALA B 184 -20.50 -29.29 -67.15
C ALA B 184 -19.97 -27.95 -67.63
N ASP B 185 -20.07 -26.91 -66.80
CA ASP B 185 -19.60 -25.59 -67.17
C ASP B 185 -18.08 -25.47 -67.10
N TYR B 186 -17.40 -26.32 -66.32
CA TYR B 186 -15.95 -26.30 -66.27
C TYR B 186 -15.36 -26.84 -67.57
N GLU B 187 -15.91 -27.94 -68.07
CA GLU B 187 -15.44 -28.55 -69.31
C GLU B 187 -15.78 -27.70 -70.54
N LYS B 188 -16.56 -26.63 -70.38
CA LYS B 188 -16.93 -25.79 -71.51
C LYS B 188 -15.77 -24.90 -71.98
N HIS B 189 -14.83 -24.57 -71.10
CA HIS B 189 -13.69 -23.74 -71.46
C HIS B 189 -12.39 -24.50 -71.26
N LYS B 190 -11.29 -23.90 -71.73
CA LYS B 190 -9.98 -24.53 -71.73
C LYS B 190 -8.92 -23.78 -70.93
N VAL B 191 -9.03 -22.47 -70.77
CA VAL B 191 -8.01 -21.67 -70.09
C VAL B 191 -8.62 -21.08 -68.83
N TYR B 192 -7.92 -21.24 -67.71
CA TYR B 192 -8.36 -20.68 -66.44
C TYR B 192 -7.20 -19.89 -65.87
N ALA B 193 -7.42 -18.59 -65.65
CA ALA B 193 -6.35 -17.71 -65.23
C ALA B 193 -6.78 -16.84 -64.05
N CYS B 194 -5.81 -16.55 -63.20
CA CYS B 194 -5.96 -15.71 -62.02
C CYS B 194 -5.05 -14.50 -62.25
N GLU B 195 -5.68 -13.35 -62.55
CA GLU B 195 -4.99 -12.09 -62.66
C GLU B 195 -4.99 -11.41 -61.29
N VAL B 196 -3.83 -10.90 -60.90
CA VAL B 196 -3.60 -10.36 -59.56
C VAL B 196 -3.05 -8.95 -59.72
N THR B 197 -3.70 -7.98 -59.08
CA THR B 197 -3.26 -6.60 -59.07
C THR B 197 -2.94 -6.20 -57.64
N HIS B 198 -1.68 -5.82 -57.39
CA HIS B 198 -1.22 -5.43 -56.08
C HIS B 198 -0.48 -4.10 -56.15
N GLN B 199 -0.39 -3.44 -54.99
CA GLN B 199 0.37 -2.19 -54.89
C GLN B 199 1.84 -2.43 -55.20
N GLY B 200 2.44 -3.44 -54.57
CA GLY B 200 3.83 -3.75 -54.83
C GLY B 200 4.00 -4.63 -56.05
N LEU B 201 3.52 -4.17 -57.20
CA LEU B 201 3.62 -4.93 -58.44
C LEU B 201 3.65 -3.97 -59.62
N SER B 202 4.70 -4.07 -60.45
CA SER B 202 4.81 -3.18 -61.60
C SER B 202 3.65 -3.37 -62.55
N SER B 203 3.28 -4.61 -62.81
CA SER B 203 2.17 -4.95 -63.70
C SER B 203 1.39 -6.11 -63.10
N PRO B 204 0.12 -6.28 -63.47
CA PRO B 204 -0.66 -7.40 -62.92
C PRO B 204 -0.03 -8.74 -63.31
N VAL B 205 0.08 -9.61 -62.32
CA VAL B 205 0.54 -10.97 -62.57
C VAL B 205 -0.64 -11.79 -63.08
N THR B 206 -0.36 -12.84 -63.86
CA THR B 206 -1.44 -13.66 -64.42
C THR B 206 -0.96 -15.11 -64.45
N LYS B 207 -1.21 -15.83 -63.37
CA LYS B 207 -0.90 -17.26 -63.33
C LYS B 207 -2.08 -18.04 -63.90
N SER B 208 -1.81 -18.97 -64.81
CA SER B 208 -2.90 -19.64 -65.53
C SER B 208 -2.60 -21.13 -65.68
N PHE B 209 -3.62 -21.86 -66.13
CA PHE B 209 -3.49 -23.28 -66.43
C PHE B 209 -4.53 -23.66 -67.47
N ASN B 210 -4.28 -24.79 -68.15
CA ASN B 210 -5.14 -25.28 -69.23
C ASN B 210 -5.72 -26.62 -68.83
N ARG B 211 -7.03 -26.77 -69.00
CA ARG B 211 -7.67 -28.04 -68.69
C ARG B 211 -7.20 -29.11 -69.66
N GLY B 212 -6.93 -30.30 -69.13
CA GLY B 212 -6.43 -31.41 -69.91
C GLY B 212 -4.93 -31.44 -70.06
N GLU B 213 -4.20 -30.69 -69.23
CA GLU B 213 -2.74 -30.62 -69.30
C GLU B 213 -2.21 -30.55 -67.88
N CYS B 214 -0.95 -30.94 -67.71
CA CYS B 214 -0.32 -30.90 -66.39
C CYS B 214 1.11 -30.38 -66.46
N GLU C 1 -7.07 -3.73 18.00
CA GLU C 1 -6.43 -2.92 19.09
C GLU C 1 -5.88 -3.88 20.14
N VAL C 2 -4.58 -4.14 20.06
CA VAL C 2 -3.88 -4.98 21.02
C VAL C 2 -3.82 -4.27 22.36
N GLN C 3 -4.07 -5.01 23.43
CA GLN C 3 -4.05 -4.45 24.78
C GLN C 3 -3.49 -5.44 25.79
N LEU C 4 -2.76 -4.89 26.77
CA LEU C 4 -2.17 -5.64 27.86
C LEU C 4 -2.55 -4.94 29.17
N VAL C 5 -3.13 -5.68 30.10
CA VAL C 5 -3.60 -5.09 31.35
C VAL C 5 -3.04 -5.89 32.52
N GLU C 6 -2.35 -5.19 33.42
CA GLU C 6 -1.78 -5.78 34.62
C GLU C 6 -2.80 -5.81 35.75
N SER C 7 -2.52 -6.67 36.74
CA SER C 7 -3.36 -6.76 37.92
C SER C 7 -2.59 -7.54 38.99
N GLY C 8 -3.14 -7.50 40.21
CA GLY C 8 -2.57 -8.26 41.30
C GLY C 8 -1.56 -7.52 42.14
N GLY C 9 -1.20 -6.29 41.77
CA GLY C 9 -0.31 -5.53 42.59
C GLY C 9 -0.94 -5.18 43.93
N GLY C 10 -0.09 -4.87 44.90
CA GLY C 10 -0.56 -4.52 46.20
C GLY C 10 0.57 -4.33 47.18
N LEU C 11 0.28 -4.53 48.46
CA LEU C 11 1.27 -4.39 49.53
C LEU C 11 1.52 -5.76 50.14
N VAL C 12 2.77 -6.08 50.35
CA VAL C 12 3.15 -7.34 50.96
C VAL C 12 4.33 -7.08 51.87
N GLN C 13 4.39 -7.83 52.96
CA GLN C 13 5.49 -7.71 53.89
C GLN C 13 6.71 -8.41 53.30
N PRO C 14 7.90 -8.09 53.79
CA PRO C 14 9.10 -8.80 53.31
C PRO C 14 8.98 -10.28 53.59
N GLY C 15 9.40 -11.09 52.62
CA GLY C 15 9.27 -12.53 52.70
C GLY C 15 7.95 -13.08 52.23
N GLY C 16 6.99 -12.22 51.91
CA GLY C 16 5.67 -12.65 51.50
C GLY C 16 5.63 -13.10 50.06
N SER C 17 4.40 -13.23 49.55
CA SER C 17 4.18 -13.71 48.19
C SER C 17 3.11 -12.87 47.52
N LEU C 18 3.22 -12.74 46.20
CA LEU C 18 2.27 -11.95 45.42
C LEU C 18 2.34 -12.40 43.96
N ARG C 19 1.18 -12.59 43.35
CA ARG C 19 1.08 -13.09 41.98
C ARG C 19 0.52 -11.98 41.10
N LEU C 20 1.33 -11.51 40.17
CA LEU C 20 0.91 -10.50 39.22
C LEU C 20 0.36 -11.19 37.98
N SER C 21 -0.71 -10.64 37.43
CA SER C 21 -1.38 -11.21 36.27
C SER C 21 -1.40 -10.20 35.14
N CYS C 22 -1.34 -10.69 33.90
CA CYS C 22 -1.29 -9.85 32.71
C CYS C 22 -2.22 -10.44 31.67
N ALA C 23 -3.38 -9.82 31.49
CA ALA C 23 -4.36 -10.28 30.52
C ALA C 23 -4.12 -9.59 29.19
N ALA C 24 -4.08 -10.38 28.12
CA ALA C 24 -3.84 -9.89 26.77
C ALA C 24 -5.12 -10.01 25.95
N SER C 25 -5.34 -9.02 25.09
CA SER C 25 -6.51 -9.00 24.21
C SER C 25 -6.10 -8.42 22.88
N GLY C 26 -6.82 -8.82 21.83
CA GLY C 26 -6.49 -8.35 20.50
C GLY C 26 -5.40 -9.13 19.80
N PHE C 27 -4.93 -10.21 20.38
CA PHE C 27 -3.94 -11.06 19.74
C PHE C 27 -3.84 -12.37 20.50
N ASP C 28 -3.39 -13.41 19.79
CA ASP C 28 -3.26 -14.75 20.34
C ASP C 28 -1.83 -14.92 20.86
N LEU C 29 -1.71 -15.47 22.08
CA LEU C 29 -0.39 -15.57 22.69
C LEU C 29 0.58 -16.41 21.87
N GLY C 30 0.06 -17.31 21.02
CA GLY C 30 0.91 -18.15 20.20
C GLY C 30 2.00 -17.42 19.46
N GLY C 31 3.16 -18.06 19.32
CA GLY C 31 4.28 -17.51 18.58
C GLY C 31 4.99 -16.35 19.23
N TYR C 32 4.51 -15.88 20.38
CA TYR C 32 5.07 -14.73 21.07
C TYR C 32 5.77 -15.15 22.36
N SER C 33 6.57 -14.24 22.91
CA SER C 33 7.20 -14.41 24.21
C SER C 33 6.84 -13.23 25.10
N MET C 34 6.30 -13.52 26.27
CA MET C 34 5.87 -12.51 27.23
C MET C 34 6.97 -12.25 28.26
N HIS C 35 7.17 -10.97 28.58
CA HIS C 35 8.20 -10.55 29.52
C HIS C 35 7.59 -9.71 30.65
N TRP C 36 8.26 -9.77 31.80
CA TRP C 36 7.98 -8.93 32.96
C TRP C 36 9.19 -8.05 33.18
N VAL C 37 8.99 -6.74 33.10
CA VAL C 37 10.05 -5.74 33.21
C VAL C 37 9.68 -4.77 34.33
N ARG C 38 10.59 -4.58 35.27
CA ARG C 38 10.31 -3.74 36.43
C ARG C 38 11.14 -2.47 36.39
N GLN C 39 10.61 -1.45 37.07
CA GLN C 39 11.25 -0.14 37.15
C GLN C 39 11.13 0.29 38.60
N ALA C 40 12.25 0.28 39.33
CA ALA C 40 12.25 0.79 40.68
C ALA C 40 12.10 2.31 40.63
N PRO C 41 11.50 2.92 41.66
CA PRO C 41 11.27 4.36 41.63
C PRO C 41 12.52 5.13 41.19
N GLY C 42 12.33 5.96 40.17
CA GLY C 42 13.38 6.87 39.75
C GLY C 42 14.65 6.23 39.23
N LYS C 43 14.60 4.98 38.78
CA LYS C 43 15.76 4.31 38.21
C LYS C 43 15.38 3.76 36.83
N GLY C 44 16.37 3.18 36.16
CA GLY C 44 16.16 2.66 34.82
C GLY C 44 15.19 1.51 34.81
N LEU C 45 15.08 0.84 33.65
CA LEU C 45 14.27 -0.36 33.53
C LEU C 45 15.16 -1.58 33.70
N GLU C 46 14.65 -2.57 34.42
CA GLU C 46 15.36 -3.82 34.68
C GLU C 46 14.45 -4.96 34.29
N TRP C 47 14.94 -5.84 33.41
CA TRP C 47 14.17 -7.02 33.05
C TRP C 47 14.17 -8.04 34.19
N VAL C 48 13.06 -8.76 34.30
CA VAL C 48 12.86 -9.69 35.40
C VAL C 48 12.68 -11.09 34.84
N ALA C 49 11.72 -11.29 33.94
CA ALA C 49 11.51 -12.66 33.46
C ALA C 49 10.84 -12.69 32.09
N GLY C 50 10.85 -13.87 31.48
CA GLY C 50 10.23 -14.06 30.17
C GLY C 50 9.91 -15.51 29.90
N ILE C 51 8.92 -15.71 29.03
CA ILE C 51 8.41 -17.04 28.71
C ILE C 51 7.96 -17.08 27.26
N TYR C 52 8.34 -18.13 26.54
CA TYR C 52 7.77 -18.40 25.22
C TYR C 52 6.45 -19.10 25.45
N ALA C 53 5.34 -18.40 25.19
CA ALA C 53 4.03 -18.91 25.57
C ALA C 53 3.77 -20.30 24.99
N SER C 54 4.03 -20.47 23.71
CA SER C 54 3.74 -21.74 23.05
C SER C 54 4.46 -22.90 23.73
N GLY C 55 5.79 -22.94 23.58
CA GLY C 55 6.54 -24.07 24.10
C GLY C 55 6.58 -24.11 25.61
N GLY C 56 6.42 -22.96 26.26
CA GLY C 56 6.49 -22.87 27.71
C GLY C 56 7.87 -22.66 28.28
N ALA C 57 8.90 -22.58 27.44
CA ALA C 57 10.25 -22.38 27.93
C ALA C 57 10.37 -21.03 28.65
N THR C 58 11.16 -21.01 29.72
CA THR C 58 11.26 -19.83 30.58
C THR C 58 12.69 -19.35 30.70
N ALA C 59 12.84 -18.09 31.10
CA ALA C 59 14.14 -17.46 31.32
C ALA C 59 13.99 -16.37 32.36
N TYR C 60 14.92 -16.30 33.30
CA TYR C 60 14.85 -15.37 34.41
C TYR C 60 16.14 -14.58 34.52
N ALA C 61 16.05 -13.39 35.12
CA ALA C 61 17.25 -12.59 35.39
C ALA C 61 17.91 -13.08 36.68
N ASP C 62 19.23 -12.94 36.72
CA ASP C 62 20.00 -13.49 37.84
C ASP C 62 19.54 -12.94 39.18
N SER C 63 19.09 -11.68 39.20
CA SER C 63 18.80 -11.02 40.48
C SER C 63 17.59 -11.62 41.19
N VAL C 64 16.71 -12.32 40.48
CA VAL C 64 15.52 -12.91 41.11
C VAL C 64 15.38 -14.39 40.79
N LYS C 65 16.42 -15.02 40.26
CA LYS C 65 16.34 -16.43 39.90
C LYS C 65 15.94 -17.26 41.11
N GLY C 66 14.99 -18.18 40.91
CA GLY C 66 14.53 -19.06 41.95
C GLY C 66 13.36 -18.55 42.78
N ARG C 67 13.37 -17.26 43.12
CA ARG C 67 12.27 -16.70 43.91
C ARG C 67 11.00 -16.57 43.06
N PHE C 68 11.14 -16.06 41.84
CA PHE C 68 9.99 -15.82 40.98
C PHE C 68 9.74 -17.01 40.05
N THR C 69 8.52 -17.07 39.53
CA THR C 69 8.08 -18.15 38.64
C THR C 69 7.12 -17.57 37.63
N ILE C 70 7.43 -17.70 36.34
CA ILE C 70 6.63 -17.14 35.27
C ILE C 70 5.88 -18.27 34.58
N SER C 71 4.60 -18.06 34.31
CA SER C 71 3.76 -19.08 33.70
C SER C 71 2.81 -18.41 32.71
N ALA C 72 2.11 -19.22 31.92
CA ALA C 72 1.15 -18.68 30.96
C ALA C 72 0.03 -19.67 30.70
N ASP C 73 -1.12 -19.15 30.26
CA ASP C 73 -2.26 -19.97 29.88
C ASP C 73 -2.79 -19.46 28.54
N THR C 74 -2.87 -20.40 27.58
CA THR C 74 -3.15 -20.07 26.18
C THR C 74 -4.63 -19.92 25.87
N SER C 75 -5.51 -20.67 26.53
CA SER C 75 -6.94 -20.45 26.35
C SER C 75 -7.36 -19.14 26.99
N LYS C 76 -6.86 -18.86 28.20
CA LYS C 76 -7.09 -17.57 28.83
C LYS C 76 -6.33 -16.43 28.16
N ASN C 77 -5.31 -16.73 27.37
CA ASN C 77 -4.44 -15.71 26.78
C ASN C 77 -3.96 -14.74 27.86
N THR C 78 -3.42 -15.30 28.95
CA THR C 78 -2.88 -14.45 30.00
C THR C 78 -1.55 -15.02 30.49
N ALA C 79 -0.80 -14.19 31.20
CA ALA C 79 0.53 -14.53 31.70
C ALA C 79 0.63 -14.16 33.18
N TYR C 80 1.40 -14.95 33.93
CA TYR C 80 1.47 -14.78 35.38
C TYR C 80 2.92 -14.73 35.84
N LEU C 81 3.16 -13.94 36.88
CA LEU C 81 4.44 -13.89 37.58
C LEU C 81 4.15 -14.09 39.06
N GLN C 82 4.46 -15.28 39.56
CA GLN C 82 4.41 -15.59 40.98
C GLN C 82 5.70 -15.11 41.63
N MET C 83 5.58 -14.31 42.70
CA MET C 83 6.73 -13.69 43.34
C MET C 83 6.75 -14.12 44.81
N ASN C 84 7.71 -14.96 45.17
CA ASN C 84 7.84 -15.49 46.51
C ASN C 84 9.14 -14.98 47.15
N SER C 85 9.19 -15.03 48.48
CA SER C 85 10.36 -14.57 49.23
C SER C 85 10.75 -13.16 48.82
N LEU C 86 9.76 -12.27 48.77
CA LEU C 86 9.99 -10.90 48.33
C LEU C 86 10.86 -10.14 49.32
N ARG C 87 11.55 -9.12 48.81
CA ARG C 87 12.41 -8.24 49.58
C ARG C 87 12.09 -6.81 49.17
N ALA C 88 12.58 -5.84 49.94
CA ALA C 88 12.29 -4.44 49.61
C ALA C 88 12.90 -4.04 48.27
N GLU C 89 14.03 -4.63 47.91
CA GLU C 89 14.71 -4.29 46.67
C GLU C 89 13.81 -4.52 45.46
N ASP C 90 12.81 -5.36 45.59
CA ASP C 90 11.91 -5.70 44.50
C ASP C 90 10.76 -4.71 44.36
N THR C 91 10.60 -3.80 45.30
CA THR C 91 9.56 -2.79 45.22
C THR C 91 9.73 -1.98 43.94
N ALA C 92 8.70 -1.97 43.10
CA ALA C 92 8.80 -1.28 41.83
C ALA C 92 7.50 -1.27 41.02
N VAL C 93 7.53 -0.60 39.88
CA VAL C 93 6.45 -0.67 38.91
C VAL C 93 6.73 -1.85 38.00
N TYR C 94 5.84 -2.83 37.99
CA TYR C 94 5.98 -4.03 37.19
C TYR C 94 5.14 -3.87 35.93
N TYR C 95 5.81 -3.89 34.78
CA TYR C 95 5.15 -3.87 33.49
C TYR C 95 5.18 -5.26 32.86
N CYS C 96 4.18 -5.50 32.03
CA CYS C 96 4.07 -6.67 31.19
C CYS C 96 4.24 -6.24 29.75
N ALA C 97 5.03 -6.99 28.98
CA ALA C 97 5.26 -6.67 27.58
C ALA C 97 5.36 -7.96 26.78
N ARG C 98 5.35 -7.83 25.45
CA ARG C 98 5.49 -8.97 24.56
C ARG C 98 6.54 -8.68 23.50
N SER C 99 7.18 -9.74 23.01
CA SER C 99 8.11 -9.68 21.89
C SER C 99 7.84 -10.87 20.97
N TYR C 100 8.25 -10.73 19.69
CA TYR C 100 8.12 -11.84 18.76
C TYR C 100 9.33 -12.76 18.89
N TYR C 101 9.08 -14.07 18.83
CA TYR C 101 10.13 -15.07 18.86
C TYR C 101 10.83 -15.06 20.23
N TYR C 102 11.80 -15.97 20.42
CA TYR C 102 12.53 -16.02 21.68
C TYR C 102 13.39 -14.79 21.90
N GLY C 103 13.74 -14.08 20.84
CA GLY C 103 14.51 -12.86 20.99
C GLY C 103 14.82 -12.28 19.64
N GLY C 104 15.60 -11.19 19.66
CA GLY C 104 15.97 -10.48 18.47
C GLY C 104 15.03 -9.35 18.12
N PHE C 105 13.84 -9.32 18.73
CA PHE C 105 12.82 -8.32 18.47
C PHE C 105 12.57 -7.49 19.73
N GLY C 106 11.85 -6.38 19.54
CA GLY C 106 11.55 -5.48 20.63
C GLY C 106 10.21 -5.79 21.28
N MET C 107 9.85 -4.94 22.24
CA MET C 107 8.62 -5.09 23.02
C MET C 107 7.61 -4.07 22.48
N ASP C 108 6.72 -4.53 21.59
CA ASP C 108 5.82 -3.61 20.92
C ASP C 108 4.81 -2.99 21.90
N TYR C 109 4.14 -3.83 22.68
CA TYR C 109 3.02 -3.40 23.51
C TYR C 109 3.33 -3.69 24.97
N TRP C 110 3.11 -2.68 25.83
CA TRP C 110 3.28 -2.79 27.26
C TRP C 110 1.94 -2.53 27.96
N GLY C 111 1.72 -3.21 29.07
CA GLY C 111 0.62 -2.84 29.94
C GLY C 111 0.91 -1.55 30.67
N GLN C 112 -0.12 -0.98 31.31
CA GLN C 112 0.07 0.29 32.01
C GLN C 112 0.89 0.13 33.29
N GLY C 113 1.02 -1.08 33.80
CA GLY C 113 1.92 -1.33 34.92
C GLY C 113 1.19 -1.39 36.24
N THR C 114 1.78 -2.10 37.19
CA THR C 114 1.20 -2.24 38.53
C THR C 114 2.28 -2.06 39.58
N LEU C 115 1.96 -1.34 40.64
CA LEU C 115 2.93 -1.04 41.69
C LEU C 115 2.96 -2.14 42.73
N VAL C 116 4.16 -2.56 43.13
CA VAL C 116 4.33 -3.53 44.20
C VAL C 116 5.30 -2.95 45.20
N THR C 117 4.87 -2.82 46.45
CA THR C 117 5.65 -2.26 47.55
C THR C 117 5.86 -3.33 48.60
N VAL C 118 7.11 -3.55 48.98
CA VAL C 118 7.49 -4.57 49.94
C VAL C 118 8.06 -3.84 51.15
N SER C 119 7.24 -3.66 52.18
CA SER C 119 7.67 -2.95 53.36
C SER C 119 6.89 -3.50 54.54
N SER C 120 7.59 -3.68 55.66
CA SER C 120 6.97 -4.12 56.89
C SER C 120 6.01 -3.07 57.45
N ALA C 121 6.13 -1.82 57.00
CA ALA C 121 5.27 -0.76 57.50
C ALA C 121 3.81 -1.06 57.20
N SER C 122 2.93 -0.58 58.06
CA SER C 122 1.50 -0.79 57.91
C SER C 122 0.85 0.41 57.22
N THR C 123 -0.29 0.14 56.59
CA THR C 123 -0.97 1.15 55.79
C THR C 123 -1.61 2.19 56.70
N LYS C 124 -1.16 3.43 56.61
CA LYS C 124 -1.65 4.50 57.47
C LYS C 124 -2.21 5.64 56.63
N GLY C 125 -3.15 6.36 57.22
CA GLY C 125 -3.70 7.54 56.60
C GLY C 125 -2.78 8.72 56.72
N PRO C 126 -2.83 9.63 55.75
CA PRO C 126 -1.92 10.79 55.76
C PRO C 126 -2.37 11.86 56.73
N SER C 127 -1.39 12.50 57.37
CA SER C 127 -1.63 13.66 58.22
C SER C 127 -1.33 14.92 57.41
N VAL C 128 -2.30 15.82 57.33
CA VAL C 128 -2.19 17.02 56.51
C VAL C 128 -2.03 18.23 57.42
N PHE C 129 -1.01 19.03 57.14
CA PHE C 129 -0.72 20.24 57.90
C PHE C 129 -0.62 21.44 56.98
N PRO C 130 -1.08 22.60 57.42
CA PRO C 130 -1.07 23.78 56.54
C PRO C 130 0.30 24.42 56.49
N LEU C 131 0.56 25.09 55.36
CA LEU C 131 1.78 25.86 55.14
C LEU C 131 1.28 27.26 54.76
N ALA C 132 1.16 28.12 55.78
CA ALA C 132 0.55 29.44 55.64
C ALA C 132 1.48 30.40 54.93
N PRO C 133 0.93 31.39 54.21
CA PRO C 133 1.78 32.34 53.49
C PRO C 133 2.54 33.22 54.47
N SER C 134 3.83 33.40 54.21
CA SER C 134 4.69 34.12 55.13
C SER C 134 4.09 35.48 55.45
N SER C 135 4.18 35.88 56.71
CA SER C 135 3.66 37.19 57.11
C SER C 135 4.43 38.31 56.43
N LYS C 136 5.76 38.19 56.37
CA LYS C 136 6.60 39.20 55.71
C LYS C 136 6.87 38.76 54.27
N SER C 137 5.85 38.96 53.43
CA SER C 137 5.91 38.66 52.00
C SER C 137 5.74 39.96 51.23
N THR C 138 6.66 40.23 50.31
CA THR C 138 6.60 41.47 49.54
C THR C 138 5.26 41.61 48.84
N SER C 139 4.76 42.85 48.80
CA SER C 139 3.46 43.11 48.17
C SER C 139 3.54 42.96 46.66
N GLY C 140 4.58 43.54 46.04
CA GLY C 140 4.76 43.36 44.62
C GLY C 140 4.97 41.90 44.25
N GLY C 141 5.73 41.19 45.08
CA GLY C 141 5.88 39.76 44.88
C GLY C 141 4.56 39.06 45.06
N THR C 142 4.58 37.74 44.93
CA THR C 142 3.39 36.92 45.10
C THR C 142 3.66 35.94 46.22
N ALA C 143 2.84 36.00 47.27
CA ALA C 143 3.03 35.11 48.40
C ALA C 143 2.67 33.67 48.01
N ALA C 144 3.30 32.71 48.69
CA ALA C 144 3.14 31.30 48.42
C ALA C 144 2.47 30.60 49.60
N LEU C 145 1.70 29.54 49.30
CA LEU C 145 1.05 28.77 50.36
C LEU C 145 0.92 27.32 49.92
N GLY C 146 0.60 26.43 50.86
CA GLY C 146 0.50 25.04 50.49
C GLY C 146 0.06 24.13 51.62
N CYS C 147 0.19 22.82 51.33
CA CYS C 147 -0.17 21.75 52.26
C CYS C 147 0.96 20.73 52.32
N LEU C 148 1.09 20.09 53.49
CA LEU C 148 2.12 19.10 53.75
C LEU C 148 1.45 17.81 54.19
N VAL C 149 1.67 16.73 53.44
CA VAL C 149 1.15 15.40 53.74
C VAL C 149 2.30 14.60 54.35
N LYS C 150 2.09 14.05 55.54
CA LYS C 150 3.15 13.34 56.26
C LYS C 150 2.61 12.03 56.83
N ASP C 151 3.46 10.99 56.84
CA ASP C 151 3.20 9.75 57.56
C ASP C 151 2.02 8.98 56.96
N TYR C 152 2.13 8.68 55.67
CA TYR C 152 1.25 7.76 54.96
C TYR C 152 2.15 6.76 54.23
N PHE C 153 1.86 5.47 54.37
CA PHE C 153 2.82 4.51 53.85
C PHE C 153 2.51 3.98 52.45
N PRO C 154 1.29 3.49 52.20
CA PRO C 154 0.97 3.03 50.83
C PRO C 154 1.17 4.17 49.85
N GLU C 155 2.06 3.97 48.87
CA GLU C 155 2.59 5.10 48.10
C GLU C 155 1.53 5.92 47.39
N PRO C 156 0.54 5.34 46.72
CA PRO C 156 -0.37 6.15 45.88
C PRO C 156 -1.13 7.22 46.67
N VAL C 157 -0.97 8.47 46.24
CA VAL C 157 -1.72 9.59 46.80
C VAL C 157 -2.06 10.60 45.70
N THR C 158 -3.19 11.27 45.86
CA THR C 158 -3.59 12.35 44.96
C THR C 158 -3.93 13.59 45.76
N VAL C 159 -3.63 14.76 45.17
CA VAL C 159 -3.86 16.05 45.82
C VAL C 159 -4.45 17.00 44.79
N SER C 160 -5.34 17.89 45.25
CA SER C 160 -6.00 18.85 44.39
C SER C 160 -6.14 20.17 45.12
N TRP C 161 -6.34 21.24 44.35
CA TRP C 161 -6.49 22.59 44.90
C TRP C 161 -7.88 23.11 44.55
N ASN C 162 -8.71 23.31 45.59
CA ASN C 162 -10.07 23.82 45.42
C ASN C 162 -10.88 22.91 44.51
N SER C 163 -10.86 21.62 44.83
CA SER C 163 -11.63 20.61 44.10
C SER C 163 -11.34 20.66 42.61
N GLY C 164 -10.11 21.04 42.25
CA GLY C 164 -9.69 21.09 40.86
C GLY C 164 -9.80 22.44 40.21
N ALA C 165 -10.09 23.50 40.98
CA ALA C 165 -10.28 24.82 40.39
C ALA C 165 -8.96 25.52 40.11
N LEU C 166 -7.96 25.26 40.93
CA LEU C 166 -6.66 25.93 40.82
C LEU C 166 -5.66 24.94 40.24
N THR C 167 -5.47 25.00 38.92
CA THR C 167 -4.54 24.12 38.21
C THR C 167 -3.37 24.90 37.61
N SER C 168 -3.14 26.13 38.08
CA SER C 168 -2.13 27.01 37.51
C SER C 168 -1.22 27.51 38.62
N GLY C 169 0.08 27.57 38.32
CA GLY C 169 1.05 27.97 39.33
C GLY C 169 1.22 26.99 40.45
N VAL C 170 0.83 25.72 40.23
CA VAL C 170 0.90 24.69 41.26
C VAL C 170 2.09 23.78 40.99
N HIS C 171 2.75 23.36 42.06
CA HIS C 171 3.84 22.39 41.99
C HIS C 171 3.62 21.37 43.10
N THR C 172 3.52 20.10 42.72
CA THR C 172 3.35 19.00 43.67
C THR C 172 4.61 18.14 43.63
N PHE C 173 5.42 18.25 44.67
CA PHE C 173 6.71 17.57 44.68
C PHE C 173 6.51 16.07 44.85
N PRO C 174 7.45 15.26 44.38
CA PRO C 174 7.33 13.82 44.60
C PRO C 174 7.59 13.46 46.06
N ALA C 175 6.92 12.41 46.51
CA ALA C 175 7.05 11.97 47.88
C ALA C 175 8.46 11.45 48.14
N VAL C 176 8.86 11.44 49.41
CA VAL C 176 10.15 10.93 49.83
C VAL C 176 9.93 9.94 50.98
N LEU C 177 10.72 8.87 51.01
CA LEU C 177 10.59 7.84 52.04
C LEU C 177 11.40 8.23 53.26
N GLN C 178 10.72 8.44 54.37
CA GLN C 178 11.36 8.87 55.60
C GLN C 178 12.14 7.72 56.24
N SER C 179 13.02 8.08 57.16
CA SER C 179 13.75 7.07 57.92
C SER C 179 12.79 6.12 58.64
N SER C 180 11.61 6.63 59.00
CA SER C 180 10.59 5.80 59.62
C SER C 180 10.07 4.72 58.67
N GLY C 181 10.10 4.99 57.37
CA GLY C 181 9.48 4.12 56.39
C GLY C 181 8.14 4.59 55.88
N LEU C 182 7.62 5.69 56.42
CA LEU C 182 6.42 6.30 55.89
C LEU C 182 6.78 7.41 54.92
N TYR C 183 5.90 7.64 53.96
CA TYR C 183 6.12 8.63 52.92
C TYR C 183 5.58 10.00 53.36
N SER C 184 6.11 11.05 52.74
CA SER C 184 5.73 12.43 53.05
C SER C 184 5.98 13.29 51.82
N LEU C 185 4.97 14.05 51.42
CA LEU C 185 5.00 14.88 50.22
C LEU C 185 4.43 16.25 50.57
N SER C 186 4.61 17.20 49.65
CA SER C 186 4.17 18.57 49.90
C SER C 186 3.76 19.20 48.57
N SER C 187 2.67 19.97 48.59
CA SER C 187 2.22 20.68 47.40
C SER C 187 2.08 22.16 47.71
N VAL C 188 2.41 23.00 46.72
CA VAL C 188 2.42 24.45 46.93
C VAL C 188 1.88 25.17 45.71
N VAL C 189 1.45 26.40 45.93
CA VAL C 189 0.88 27.25 44.89
C VAL C 189 1.21 28.70 45.22
N THR C 190 1.47 29.48 44.19
CA THR C 190 1.75 30.91 44.30
C THR C 190 0.53 31.67 43.81
N VAL C 191 -0.01 32.55 44.65
CA VAL C 191 -1.20 33.32 44.30
C VAL C 191 -0.91 34.79 44.60
N PRO C 192 -1.71 35.72 44.07
CA PRO C 192 -1.39 37.14 44.26
C PRO C 192 -1.50 37.56 45.72
N SER C 193 -0.47 38.26 46.20
CA SER C 193 -0.44 38.65 47.61
C SER C 193 -1.58 39.58 47.95
N SER C 194 -1.99 40.43 47.01
CA SER C 194 -3.10 41.36 47.27
C SER C 194 -4.39 40.60 47.50
N SER C 195 -4.73 39.68 46.59
CA SER C 195 -5.95 38.88 46.69
C SER C 195 -5.79 37.69 47.62
N LEU C 196 -4.78 37.71 48.48
CA LEU C 196 -4.55 36.58 49.39
C LEU C 196 -5.63 36.51 50.46
N GLY C 197 -5.87 37.63 51.16
CA GLY C 197 -6.83 37.62 52.24
C GLY C 197 -8.27 37.44 51.76
N THR C 198 -8.60 37.97 50.58
CA THR C 198 -9.98 37.90 50.12
C THR C 198 -10.36 36.47 49.74
N GLN C 199 -9.53 35.81 48.94
CA GLN C 199 -9.88 34.49 48.42
C GLN C 199 -9.63 33.41 49.46
N THR C 200 -10.22 32.24 49.22
CA THR C 200 -10.09 31.08 50.10
C THR C 200 -9.47 29.92 49.35
N TYR C 201 -8.41 29.36 49.91
CA TYR C 201 -7.65 28.28 49.29
C TYR C 201 -7.72 27.04 50.17
N ILE C 202 -8.10 25.91 49.56
CA ILE C 202 -8.26 24.65 50.27
C ILE C 202 -7.53 23.57 49.49
N CYS C 203 -6.77 22.75 50.20
CA CYS C 203 -6.11 21.57 49.62
C CYS C 203 -6.92 20.33 49.96
N ASN C 204 -7.20 19.51 48.93
CA ASN C 204 -7.95 18.27 49.07
C ASN C 204 -7.01 17.10 48.81
N VAL C 205 -6.84 16.24 49.82
CA VAL C 205 -5.90 15.12 49.76
C VAL C 205 -6.69 13.82 49.83
N ASN C 206 -6.31 12.87 48.97
CA ASN C 206 -6.96 11.57 48.87
C ASN C 206 -5.91 10.47 48.92
N HIS C 207 -6.15 9.48 49.78
CA HIS C 207 -5.33 8.29 49.96
C HIS C 207 -6.24 7.08 49.76
N LYS C 208 -6.25 6.52 48.54
CA LYS C 208 -7.13 5.41 48.21
C LYS C 208 -6.80 4.14 48.98
N PRO C 209 -5.52 3.81 49.21
CA PRO C 209 -5.23 2.54 49.90
C PRO C 209 -5.84 2.42 51.29
N SER C 210 -5.73 3.45 52.13
CA SER C 210 -6.36 3.44 53.45
C SER C 210 -7.76 4.02 53.43
N ASN C 211 -8.22 4.53 52.30
CA ASN C 211 -9.54 5.14 52.17
C ASN C 211 -9.67 6.37 53.07
N THR C 212 -8.71 7.29 52.94
CA THR C 212 -8.69 8.50 53.75
C THR C 212 -8.73 9.73 52.85
N LYS C 213 -9.83 10.46 52.91
CA LYS C 213 -10.00 11.71 52.16
C LYS C 213 -10.14 12.86 53.16
N VAL C 214 -9.43 13.96 52.92
CA VAL C 214 -9.48 15.11 53.82
C VAL C 214 -9.27 16.39 53.02
N ASP C 215 -9.68 17.52 53.62
CA ASP C 215 -9.44 18.84 53.06
C ASP C 215 -9.03 19.79 54.18
N LYS C 216 -8.19 20.77 53.84
CA LYS C 216 -7.75 21.77 54.81
C LYS C 216 -7.51 23.11 54.13
N LYS C 217 -7.95 24.19 54.78
CA LYS C 217 -7.78 25.54 54.28
C LYS C 217 -6.51 26.16 54.85
N VAL C 218 -5.89 27.05 54.09
CA VAL C 218 -4.62 27.67 54.45
C VAL C 218 -4.82 29.18 54.62
N GLU C 219 -4.25 29.73 55.69
CA GLU C 219 -4.47 31.13 56.06
C GLU C 219 -3.23 31.66 56.75
N PRO C 220 -3.05 32.99 56.78
CA PRO C 220 -1.97 33.59 57.58
C PRO C 220 -2.15 33.30 59.07
N LYS C 221 -1.11 33.62 59.84
CA LYS C 221 -1.12 33.38 61.29
C LYS C 221 -1.94 34.46 61.99
N SER C 222 -2.85 34.03 62.87
CA SER C 222 -3.72 34.98 63.56
C SER C 222 -2.93 35.88 64.49
N CYS C 223 -2.32 35.29 65.52
CA CYS C 223 -1.46 36.03 66.44
C CYS C 223 -2.01 37.39 66.83
N ASP D 1 25.29 -12.35 29.27
CA ASP D 1 25.13 -11.25 30.25
C ASP D 1 25.84 -9.98 29.79
N ILE D 2 25.26 -9.33 28.78
CA ILE D 2 25.88 -8.21 28.08
C ILE D 2 25.41 -6.90 28.69
N GLN D 3 26.29 -5.90 28.66
CA GLN D 3 26.05 -4.61 29.31
C GLN D 3 26.00 -3.52 28.26
N MET D 4 24.94 -2.69 28.32
CA MET D 4 24.69 -1.64 27.34
C MET D 4 24.97 -0.29 27.99
N THR D 5 26.07 0.35 27.58
CA THR D 5 26.48 1.62 28.14
C THR D 5 25.90 2.76 27.29
N GLN D 6 25.07 3.59 27.91
CA GLN D 6 24.30 4.61 27.21
C GLN D 6 24.83 6.00 27.56
N SER D 7 24.97 6.84 26.54
CA SER D 7 25.46 8.20 26.68
C SER D 7 24.62 9.12 25.79
N PRO D 8 24.39 10.36 26.22
CA PRO D 8 24.75 10.97 27.51
C PRO D 8 23.76 10.60 28.62
N SER D 9 24.19 10.72 29.88
CA SER D 9 23.26 10.48 30.99
C SER D 9 22.11 11.47 30.96
N SER D 10 22.41 12.73 30.69
CA SER D 10 21.40 13.78 30.57
C SER D 10 21.79 14.69 29.41
N LEU D 11 20.80 15.36 28.83
CA LEU D 11 21.02 16.22 27.69
C LEU D 11 19.97 17.31 27.67
N SER D 12 20.41 18.55 27.50
CA SER D 12 19.50 19.69 27.37
C SER D 12 19.65 20.30 25.99
N ALA D 13 18.52 20.44 25.28
CA ALA D 13 18.52 20.99 23.94
C ALA D 13 17.20 21.70 23.70
N SER D 14 17.21 22.60 22.71
CA SER D 14 16.06 23.44 22.39
C SER D 14 15.23 22.77 21.30
N VAL D 15 13.96 23.19 21.23
CA VAL D 15 13.04 22.59 20.27
C VAL D 15 13.55 22.80 18.85
N GLY D 16 13.38 21.78 18.01
CA GLY D 16 13.85 21.81 16.65
C GLY D 16 15.29 21.39 16.45
N ASP D 17 16.01 21.11 17.53
CA ASP D 17 17.41 20.68 17.43
C ASP D 17 17.48 19.23 16.95
N ARG D 18 18.66 18.85 16.49
CA ARG D 18 18.93 17.47 16.06
C ARG D 18 19.77 16.79 17.13
N VAL D 19 19.25 15.70 17.69
CA VAL D 19 19.88 15.09 18.85
C VAL D 19 20.31 13.67 18.53
N THR D 20 21.39 13.25 19.18
CA THR D 20 21.97 11.93 18.98
C THR D 20 22.27 11.29 20.33
N ILE D 21 21.89 10.02 20.47
CA ILE D 21 22.12 9.24 21.67
C ILE D 21 22.83 7.97 21.26
N THR D 22 23.82 7.58 22.05
CA THR D 22 24.70 6.47 21.69
C THR D 22 24.60 5.40 22.77
N CYS D 23 24.66 4.15 22.33
CA CYS D 23 24.59 2.99 23.22
C CYS D 23 25.57 1.97 22.69
N ARG D 24 26.56 1.60 23.51
CA ARG D 24 27.57 0.64 23.11
C ARG D 24 27.45 -0.65 23.91
N ALA D 25 27.53 -1.77 23.21
CA ALA D 25 27.38 -3.09 23.81
C ALA D 25 28.74 -3.65 24.18
N SER D 26 28.78 -4.40 25.29
CA SER D 26 30.05 -4.96 25.75
C SER D 26 30.63 -5.93 24.72
N GLN D 27 29.77 -6.74 24.08
CA GLN D 27 30.20 -7.66 23.03
C GLN D 27 29.27 -7.51 21.83
N SER D 28 29.55 -8.28 20.79
CA SER D 28 28.73 -8.24 19.58
C SER D 28 27.34 -8.82 19.86
N VAL D 29 26.32 -8.10 19.41
CA VAL D 29 24.93 -8.49 19.59
C VAL D 29 24.19 -8.61 18.25
N SER D 30 24.93 -8.72 17.15
CA SER D 30 24.38 -8.62 15.79
C SER D 30 23.52 -7.34 15.75
N SER D 31 22.27 -7.40 15.32
CA SER D 31 21.44 -6.21 15.27
C SER D 31 20.15 -6.38 16.07
N ALA D 32 20.25 -6.67 17.36
CA ALA D 32 19.11 -6.94 18.21
C ALA D 32 18.86 -5.82 19.22
N VAL D 33 19.19 -4.58 18.86
CA VAL D 33 18.99 -3.45 19.74
C VAL D 33 17.66 -2.78 19.43
N ALA D 34 17.06 -2.19 20.47
CA ALA D 34 15.79 -1.50 20.39
C ALA D 34 15.88 -0.23 21.21
N TRP D 35 15.06 0.75 20.84
CA TRP D 35 15.03 2.06 21.49
C TRP D 35 13.60 2.38 21.91
N TYR D 36 13.44 2.77 23.18
CA TYR D 36 12.16 3.06 23.81
C TYR D 36 12.14 4.49 24.32
N GLN D 37 10.94 5.07 24.36
CA GLN D 37 10.68 6.40 24.92
C GLN D 37 9.73 6.25 26.08
N GLN D 38 10.04 6.90 27.19
CA GLN D 38 9.19 6.87 28.38
C GLN D 38 9.02 8.30 28.87
N LYS D 39 7.79 8.70 29.08
CA LYS D 39 7.38 9.94 29.72
C LYS D 39 7.02 9.66 31.17
N PRO D 40 7.01 10.68 32.02
CA PRO D 40 6.84 10.41 33.46
C PRO D 40 5.54 9.67 33.76
N GLY D 41 5.66 8.61 34.56
CA GLY D 41 4.52 7.85 35.03
C GLY D 41 3.82 7.02 33.99
N LYS D 42 4.48 6.71 32.88
CA LYS D 42 3.84 6.01 31.77
C LYS D 42 4.70 4.83 31.36
N ALA D 43 4.05 3.80 30.84
CA ALA D 43 4.79 2.66 30.33
C ALA D 43 5.73 3.12 29.22
N PRO D 44 6.83 2.41 29.00
CA PRO D 44 7.66 2.69 27.83
C PRO D 44 6.90 2.49 26.53
N LYS D 45 7.23 3.30 25.54
CA LYS D 45 6.67 3.22 24.19
C LYS D 45 7.79 2.84 23.23
N LEU D 46 7.54 1.82 22.41
CA LEU D 46 8.57 1.34 21.49
C LEU D 46 8.73 2.32 20.33
N LEU D 47 9.97 2.74 20.08
CA LEU D 47 10.29 3.61 18.96
C LEU D 47 10.95 2.83 17.84
N ILE D 48 12.07 2.16 18.13
CA ILE D 48 12.83 1.47 17.09
C ILE D 48 13.16 0.06 17.56
N TYR D 49 13.23 -0.87 16.61
CA TYR D 49 13.56 -2.24 16.91
C TYR D 49 14.53 -2.79 15.87
N SER D 50 15.17 -3.90 16.23
CA SER D 50 16.16 -4.55 15.38
C SER D 50 17.16 -3.56 14.79
N ALA D 51 17.51 -2.55 15.58
CA ALA D 51 18.59 -1.60 15.28
C ALA D 51 18.12 -0.45 14.41
N SER D 52 17.52 -0.74 13.25
CA SER D 52 17.24 0.31 12.27
C SER D 52 15.94 0.02 11.52
N ASP D 53 14.90 -0.37 12.25
CA ASP D 53 13.58 -0.58 11.67
C ASP D 53 12.57 0.25 12.43
N LEU D 54 11.93 1.20 11.75
CA LEU D 54 10.93 2.02 12.41
C LEU D 54 9.72 1.18 12.80
N TYR D 55 9.12 1.55 13.92
CA TYR D 55 7.88 0.91 14.35
C TYR D 55 6.70 1.68 13.79
N SER D 56 5.63 0.95 13.48
CA SER D 56 4.41 1.57 13.01
C SER D 56 3.96 2.66 13.96
N GLY D 57 3.45 3.74 13.40
CA GLY D 57 2.92 4.80 14.24
C GLY D 57 3.98 5.57 15.00
N VAL D 58 5.14 5.79 14.38
CA VAL D 58 6.25 6.47 15.03
C VAL D 58 6.82 7.53 14.09
N PRO D 59 6.89 8.81 14.52
CA PRO D 59 7.42 9.87 13.65
C PRO D 59 8.69 9.49 12.90
N SER D 60 8.70 9.79 11.60
CA SER D 60 9.83 9.45 10.73
C SER D 60 11.10 10.20 11.09
N ARG D 61 11.01 11.22 11.96
CA ARG D 61 12.21 11.91 12.41
C ARG D 61 13.17 10.99 13.16
N PHE D 62 12.64 9.99 13.86
CA PHE D 62 13.45 9.03 14.60
C PHE D 62 14.12 8.04 13.64
N SER D 63 15.43 7.90 13.73
CA SER D 63 16.18 6.95 12.90
C SER D 63 17.19 6.22 13.77
N GLY D 64 17.55 5.01 13.35
CA GLY D 64 18.47 4.18 14.10
C GLY D 64 19.56 3.58 13.22
N SER D 65 20.76 3.47 13.79
CA SER D 65 21.93 3.04 13.02
C SER D 65 22.82 2.14 13.86
N ARG D 66 23.56 1.27 13.16
CA ARG D 66 24.51 0.36 13.79
C ARG D 66 25.84 0.40 13.03
N SER D 67 26.92 0.63 13.78
CA SER D 67 28.29 0.50 13.27
C SER D 67 28.99 -0.49 14.18
N GLY D 68 29.09 -1.74 13.74
CA GLY D 68 29.69 -2.79 14.56
C GLY D 68 28.88 -3.02 15.82
N THR D 69 29.50 -2.78 16.97
CA THR D 69 28.83 -2.92 18.26
C THR D 69 28.43 -1.58 18.85
N ASP D 70 28.45 -0.51 18.05
CA ASP D 70 27.99 0.81 18.48
C ASP D 70 26.65 1.10 17.83
N PHE D 71 25.66 1.49 18.63
CA PHE D 71 24.31 1.75 18.14
C PHE D 71 23.89 3.17 18.45
N THR D 72 23.11 3.76 17.55
CA THR D 72 22.83 5.18 17.64
C THR D 72 21.38 5.47 17.30
N LEU D 73 20.76 6.34 18.11
CA LEU D 73 19.41 6.84 17.87
C LEU D 73 19.51 8.33 17.56
N THR D 74 18.84 8.75 16.49
CA THR D 74 18.92 10.12 16.01
C THR D 74 17.53 10.69 15.82
N ILE D 75 17.32 11.91 16.33
CA ILE D 75 16.12 12.67 16.02
C ILE D 75 16.52 13.86 15.15
N SER D 76 15.90 13.94 13.97
CA SER D 76 16.19 15.01 13.03
C SER D 76 15.82 16.37 13.60
N SER D 77 14.55 16.54 14.00
CA SER D 77 14.12 17.78 14.63
C SER D 77 13.24 17.46 15.81
N LEU D 78 13.49 18.12 16.93
CA LEU D 78 12.73 17.89 18.14
C LEU D 78 11.36 18.56 18.05
N GLN D 79 10.40 17.97 18.73
CA GLN D 79 9.08 18.55 18.89
C GLN D 79 8.73 18.44 20.37
N PRO D 80 7.97 19.41 20.92
CA PRO D 80 7.79 19.45 22.37
C PRO D 80 7.33 18.14 23.00
N GLU D 81 6.80 17.23 22.19
CA GLU D 81 6.40 15.92 22.71
C GLU D 81 7.58 14.98 22.89
N ASP D 82 8.69 15.26 22.20
CA ASP D 82 9.87 14.42 22.24
C ASP D 82 10.72 14.64 23.49
N PHE D 83 10.31 15.53 24.38
CA PHE D 83 11.03 15.77 25.62
C PHE D 83 10.59 14.72 26.64
N ALA D 84 11.53 13.86 27.03
CA ALA D 84 11.24 12.68 27.83
C ALA D 84 12.54 11.89 28.02
N THR D 85 12.45 10.67 28.53
CA THR D 85 13.62 9.83 28.75
C THR D 85 13.65 8.72 27.70
N TYR D 86 14.86 8.33 27.30
CA TYR D 86 15.05 7.36 26.22
C TYR D 86 15.98 6.25 26.68
N TYR D 87 15.57 5.00 26.43
CA TYR D 87 16.37 3.84 26.80
C TYR D 87 16.70 2.99 25.58
N CYS D 88 17.85 2.30 25.65
CA CYS D 88 18.24 1.27 24.69
C CYS D 88 18.20 -0.10 25.36
N GLN D 89 17.95 -1.13 24.56
CA GLN D 89 17.71 -2.48 25.08
C GLN D 89 18.19 -3.51 24.08
N GLN D 90 18.81 -4.59 24.58
CA GLN D 90 19.30 -5.66 23.72
C GLN D 90 18.55 -6.94 24.00
N SER D 91 18.21 -7.68 22.94
CA SER D 91 17.54 -8.97 23.05
C SER D 91 18.35 -10.08 22.37
N TYR D 92 19.68 -9.97 22.41
CA TYR D 92 20.57 -10.94 21.78
C TYR D 92 20.92 -12.08 22.74
N ARG D 93 21.58 -11.76 23.85
CA ARG D 93 22.00 -12.74 24.86
C ARG D 93 21.29 -12.42 26.16
N TYR D 94 20.52 -13.39 26.66
CA TYR D 94 19.80 -13.19 27.91
C TYR D 94 20.78 -13.25 29.09
N PRO D 95 20.47 -12.57 30.20
CA PRO D 95 19.27 -11.74 30.41
C PRO D 95 19.29 -10.43 29.60
N ILE D 96 18.14 -10.02 29.08
CA ILE D 96 18.08 -8.79 28.32
C ILE D 96 18.36 -7.62 29.26
N THR D 97 19.18 -6.68 28.79
CA THR D 97 19.70 -5.60 29.62
C THR D 97 19.37 -4.25 28.98
N PHE D 98 18.87 -3.33 29.78
CA PHE D 98 18.57 -1.98 29.32
C PHE D 98 19.74 -1.04 29.57
N GLY D 99 19.60 0.18 29.05
CA GLY D 99 20.58 1.22 29.30
C GLY D 99 20.27 2.00 30.56
N GLN D 100 21.28 2.77 31.00
CA GLN D 100 21.14 3.55 32.22
C GLN D 100 20.04 4.59 32.09
N GLY D 101 19.84 5.11 30.89
CA GLY D 101 18.82 6.11 30.63
C GLY D 101 19.44 7.43 30.24
N THR D 102 18.77 8.14 29.33
CA THR D 102 19.19 9.46 28.86
C THR D 102 18.01 10.40 28.99
N LYS D 103 18.12 11.39 29.86
CA LYS D 103 17.04 12.36 30.03
C LYS D 103 17.25 13.53 29.10
N VAL D 104 16.18 13.93 28.41
CA VAL D 104 16.20 15.07 27.49
C VAL D 104 15.31 16.15 28.10
N GLU D 105 15.92 17.29 28.41
CA GLU D 105 15.27 18.39 29.12
C GLU D 105 15.30 19.63 28.24
N ILE D 106 14.25 20.44 28.36
CA ILE D 106 14.12 21.65 27.56
C ILE D 106 15.15 22.68 28.01
N LYS D 107 15.92 23.21 27.07
CA LYS D 107 16.85 24.27 27.40
C LYS D 107 16.07 25.55 27.71
N ARG D 108 16.64 26.37 28.60
CA ARG D 108 15.96 27.57 29.04
C ARG D 108 16.99 28.58 29.54
N THR D 109 16.63 29.86 29.43
CA THR D 109 17.46 30.92 29.98
C THR D 109 17.51 30.77 31.49
N VAL D 110 18.66 31.14 32.08
CA VAL D 110 18.83 31.00 33.51
C VAL D 110 17.79 31.85 34.23
N ALA D 111 17.12 31.25 35.22
CA ALA D 111 16.13 31.95 36.04
C ALA D 111 16.43 31.69 37.51
N ALA D 112 16.18 32.71 38.37
CA ALA D 112 16.48 32.55 39.79
C ALA D 112 15.27 32.05 40.56
N PRO D 113 15.50 31.36 41.67
CA PRO D 113 14.39 30.75 42.41
C PRO D 113 13.67 31.75 43.30
N SER D 114 12.35 31.65 43.34
CA SER D 114 11.55 32.35 44.33
C SER D 114 11.56 31.51 45.60
N VAL D 115 12.16 32.03 46.66
CA VAL D 115 12.40 31.26 47.88
C VAL D 115 11.37 31.65 48.93
N PHE D 116 10.82 30.65 49.61
CA PHE D 116 9.89 30.87 50.69
C PHE D 116 10.20 29.87 51.79
N ILE D 117 9.86 30.23 53.02
CA ILE D 117 10.08 29.37 54.18
C ILE D 117 8.79 29.29 54.98
N PHE D 118 8.40 28.07 55.34
CA PHE D 118 7.16 27.82 56.06
C PHE D 118 7.49 27.22 57.42
N PRO D 119 7.13 27.89 58.51
CA PRO D 119 7.34 27.30 59.84
C PRO D 119 6.30 26.25 60.13
N PRO D 120 6.51 25.45 61.18
CA PRO D 120 5.56 24.36 61.46
C PRO D 120 4.23 24.91 61.96
N SER D 121 3.15 24.27 61.51
CA SER D 121 1.83 24.60 62.04
C SER D 121 1.76 24.20 63.52
N ASP D 122 0.92 24.91 64.28
CA ASP D 122 0.78 24.58 65.70
C ASP D 122 0.10 23.23 65.88
N GLU D 123 -0.85 22.91 64.99
CA GLU D 123 -1.45 21.58 64.97
C GLU D 123 -0.38 20.49 65.01
N GLN D 124 0.70 20.67 64.25
CA GLN D 124 1.77 19.67 64.25
C GLN D 124 2.50 19.66 65.59
N LEU D 125 2.72 20.83 66.18
CA LEU D 125 3.40 20.88 67.47
C LEU D 125 2.62 20.11 68.54
N LYS D 126 1.29 20.09 68.45
CA LYS D 126 0.52 19.28 69.40
C LYS D 126 0.93 17.81 69.35
N SER D 127 1.22 17.28 68.15
CA SER D 127 1.56 15.87 68.03
C SER D 127 2.96 15.56 68.55
N GLY D 128 3.87 16.53 68.51
CA GLY D 128 5.20 16.35 69.08
C GLY D 128 6.36 16.40 68.11
N THR D 129 6.11 16.79 66.86
CA THR D 129 7.17 16.91 65.86
C THR D 129 6.93 18.16 65.04
N ALA D 130 8.02 18.84 64.67
CA ALA D 130 7.95 20.09 63.93
C ALA D 130 8.66 19.92 62.58
N SER D 131 7.96 20.32 61.52
CA SER D 131 8.46 20.24 60.15
C SER D 131 8.59 21.65 59.59
N VAL D 132 9.80 22.05 59.24
CA VAL D 132 10.07 23.33 58.62
C VAL D 132 10.28 23.10 57.12
N VAL D 133 9.59 23.85 56.29
CA VAL D 133 9.66 23.66 54.84
C VAL D 133 10.39 24.83 54.21
N CYS D 134 11.16 24.55 53.16
CA CYS D 134 11.79 25.58 52.35
C CYS D 134 11.46 25.28 50.89
N LEU D 135 10.91 26.27 50.19
CA LEU D 135 10.51 26.15 48.80
C LEU D 135 11.42 27.01 47.92
N LEU D 136 11.78 26.46 46.75
CA LEU D 136 12.51 27.17 45.71
C LEU D 136 11.74 26.98 44.41
N ASN D 137 11.09 28.02 43.93
CA ASN D 137 10.13 27.89 42.85
C ASN D 137 10.63 28.50 41.54
N ASN D 138 10.28 27.83 40.45
CA ASN D 138 10.46 28.34 39.09
C ASN D 138 11.91 28.75 38.83
N PHE D 139 12.77 27.75 38.77
CA PHE D 139 14.18 27.99 38.50
C PHE D 139 14.70 26.98 37.49
N TYR D 140 15.84 27.34 36.91
CA TYR D 140 16.57 26.58 35.91
C TYR D 140 17.98 27.11 35.98
N PRO D 141 19.01 26.27 35.85
CA PRO D 141 19.03 24.81 35.65
C PRO D 141 18.60 24.04 36.88
N ARG D 142 18.48 22.72 36.72
CA ARG D 142 18.10 21.87 37.84
C ARG D 142 19.06 22.00 39.01
N GLU D 143 20.32 22.35 38.74
CA GLU D 143 21.35 22.34 39.76
C GLU D 143 21.10 23.41 40.81
N ALA D 144 21.14 23.02 42.09
CA ALA D 144 20.90 23.93 43.21
C ALA D 144 21.33 23.27 44.51
N LYS D 145 21.68 24.09 45.51
CA LYS D 145 22.11 23.58 46.80
C LYS D 145 21.31 24.28 47.90
N VAL D 146 20.77 23.48 48.84
CA VAL D 146 20.03 24.00 49.99
C VAL D 146 20.77 23.63 51.26
N GLN D 147 20.94 24.62 52.15
CA GLN D 147 21.66 24.44 53.39
C GLN D 147 20.78 24.97 54.52
N TRP D 148 20.49 24.12 55.50
CA TRP D 148 19.70 24.53 56.65
C TRP D 148 20.64 25.03 57.74
N LYS D 149 20.38 26.24 58.24
CA LYS D 149 21.23 26.85 59.26
C LYS D 149 20.35 27.22 60.45
N VAL D 150 20.66 26.65 61.61
CA VAL D 150 19.89 26.89 62.82
C VAL D 150 20.77 27.65 63.79
N ASP D 151 20.45 28.93 63.98
CA ASP D 151 21.27 29.84 64.76
C ASP D 151 22.68 29.89 64.19
N ASN D 152 22.76 29.85 62.86
CA ASN D 152 24.02 29.92 62.12
C ASN D 152 24.86 28.67 62.32
N ALA D 153 24.21 27.53 62.52
CA ALA D 153 24.87 26.24 62.69
C ALA D 153 24.22 25.23 61.75
N LEU D 154 25.03 24.61 60.89
CA LEU D 154 24.49 23.69 59.89
C LEU D 154 23.87 22.47 60.55
N GLN D 155 22.70 22.06 60.04
CA GLN D 155 21.99 20.89 60.52
C GLN D 155 22.01 19.81 59.44
N SER D 156 22.53 18.64 59.79
CA SER D 156 22.70 17.53 58.86
C SER D 156 22.11 16.26 59.45
N GLY D 157 21.52 15.44 58.57
CA GLY D 157 20.98 14.15 58.97
C GLY D 157 19.48 14.13 59.23
N ASN D 158 18.80 15.25 59.00
CA ASN D 158 17.36 15.33 59.25
C ASN D 158 16.64 16.12 58.16
N SER D 159 17.28 16.32 57.00
CA SER D 159 16.75 17.13 55.93
C SER D 159 16.53 16.28 54.69
N GLN D 160 15.38 16.48 54.03
CA GLN D 160 15.03 15.71 52.85
C GLN D 160 14.42 16.63 51.80
N GLU D 161 14.91 16.56 50.57
CA GLU D 161 14.42 17.43 49.50
C GLU D 161 13.94 16.62 48.32
N SER D 162 12.98 17.19 47.59
CA SER D 162 12.40 16.58 46.40
C SER D 162 12.25 17.63 45.31
N VAL D 163 12.44 17.19 44.06
CA VAL D 163 12.46 18.07 42.90
C VAL D 163 11.32 17.68 41.97
N THR D 164 10.66 18.68 41.38
CA THR D 164 9.63 18.42 40.39
C THR D 164 10.28 18.28 39.01
N GLU D 165 9.47 17.84 38.04
CA GLU D 165 9.89 17.81 36.65
C GLU D 165 9.56 19.15 35.99
N GLN D 166 10.18 19.40 34.84
CA GLN D 166 9.96 20.65 34.12
C GLN D 166 8.48 20.95 33.94
N ASP D 167 8.12 22.22 34.09
CA ASP D 167 6.74 22.65 33.94
C ASP D 167 6.29 22.48 32.49
N SER D 168 4.96 22.34 32.32
CA SER D 168 4.42 22.15 30.98
C SER D 168 4.82 23.30 30.05
N LYS D 169 4.65 24.54 30.50
CA LYS D 169 4.99 25.71 29.67
C LYS D 169 6.17 26.52 30.18
N ASP D 170 6.44 26.53 31.49
CA ASP D 170 7.56 27.34 31.98
C ASP D 170 8.92 26.68 31.72
N SER D 171 9.00 25.36 31.76
CA SER D 171 10.26 24.63 31.60
C SER D 171 11.22 24.90 32.74
N THR D 172 10.67 25.13 33.94
CA THR D 172 11.46 25.46 35.10
C THR D 172 11.22 24.42 36.16
N TYR D 173 12.23 24.21 37.00
CA TYR D 173 12.16 23.24 38.08
C TYR D 173 11.76 23.94 39.37
N SER D 174 11.25 23.16 40.32
CA SER D 174 10.90 23.64 41.65
C SER D 174 11.32 22.58 42.65
N LEU D 175 11.70 23.03 43.84
CA LEU D 175 12.29 22.14 44.85
C LEU D 175 11.70 22.42 46.22
N SER D 176 11.62 21.35 47.03
CA SER D 176 11.09 21.42 48.38
C SER D 176 12.03 20.67 49.32
N SER D 177 12.62 21.38 50.29
CA SER D 177 13.47 20.75 51.29
C SER D 177 12.80 20.89 52.65
N THR D 178 12.50 19.76 53.29
CA THR D 178 11.85 19.72 54.58
C THR D 178 12.83 19.27 55.64
N LEU D 179 12.81 19.95 56.79
CA LEU D 179 13.66 19.66 57.93
C LEU D 179 12.74 19.30 59.09
N THR D 180 12.77 18.04 59.51
CA THR D 180 11.89 17.53 60.54
C THR D 180 12.68 17.27 61.81
N LEU D 181 12.10 17.62 62.96
CA LEU D 181 12.77 17.34 64.23
C LEU D 181 11.77 17.48 65.36
N SER D 182 12.11 16.87 66.50
CA SER D 182 11.17 16.77 67.60
C SER D 182 10.84 18.16 68.15
N LYS D 183 9.64 18.28 68.73
CA LYS D 183 9.25 19.54 69.36
C LYS D 183 10.28 19.97 70.39
N ALA D 184 10.77 19.03 71.20
CA ALA D 184 11.77 19.36 72.20
C ALA D 184 13.02 19.99 71.57
N ASP D 185 13.53 19.37 70.51
CA ASP D 185 14.72 19.89 69.84
C ASP D 185 14.42 21.14 69.03
N TYR D 186 13.16 21.33 68.63
CA TYR D 186 12.78 22.55 67.93
C TYR D 186 12.79 23.75 68.86
N GLU D 187 12.22 23.59 70.06
CA GLU D 187 12.19 24.68 71.04
C GLU D 187 13.56 25.01 71.61
N LYS D 188 14.59 24.21 71.30
CA LYS D 188 15.93 24.49 71.84
C LYS D 188 16.57 25.70 71.18
N HIS D 189 16.17 26.03 69.95
CA HIS D 189 16.72 27.16 69.22
C HIS D 189 15.59 28.14 68.90
N LYS D 190 15.96 29.33 68.43
CA LYS D 190 14.99 30.37 68.13
C LYS D 190 15.00 30.82 66.67
N VAL D 191 16.11 30.65 65.95
CA VAL D 191 16.23 31.09 64.57
C VAL D 191 16.40 29.89 63.65
N TYR D 192 15.62 29.86 62.57
CA TYR D 192 15.69 28.81 61.56
C TYR D 192 15.82 29.47 60.20
N ALA D 193 16.88 29.14 59.46
CA ALA D 193 17.15 29.78 58.19
C ALA D 193 17.43 28.75 57.12
N CYS D 194 17.03 29.09 55.90
CA CYS D 194 17.22 28.29 54.69
C CYS D 194 18.10 29.12 53.78
N GLU D 195 19.38 28.73 53.67
CA GLU D 195 20.33 29.31 52.76
C GLU D 195 20.28 28.56 51.44
N VAL D 196 20.26 29.32 50.35
CA VAL D 196 20.06 28.79 49.01
C VAL D 196 21.18 29.28 48.11
N THR D 197 21.86 28.34 47.45
CA THR D 197 22.89 28.65 46.48
C THR D 197 22.44 28.16 45.12
N HIS D 198 22.33 29.07 44.16
CA HIS D 198 21.90 28.76 42.81
C HIS D 198 22.90 29.36 41.83
N GLN D 199 22.90 28.82 40.61
CA GLN D 199 23.73 29.38 39.57
C GLN D 199 23.34 30.82 39.27
N GLY D 200 22.04 31.06 39.09
CA GLY D 200 21.54 32.40 38.83
C GLY D 200 21.30 33.20 40.09
N LEU D 201 22.34 33.40 40.89
CA LEU D 201 22.22 34.18 42.13
C LEU D 201 23.55 34.83 42.44
N SER D 202 23.54 36.15 42.59
CA SER D 202 24.79 36.87 42.88
C SER D 202 25.40 36.39 44.19
N SER D 203 24.59 36.21 45.22
CA SER D 203 25.05 35.73 46.51
C SER D 203 24.00 34.78 47.06
N PRO D 204 24.39 33.88 47.95
CA PRO D 204 23.40 32.95 48.52
C PRO D 204 22.30 33.70 49.23
N VAL D 205 21.06 33.32 48.95
CA VAL D 205 19.92 33.88 49.65
C VAL D 205 19.76 33.17 50.99
N THR D 206 19.16 33.86 51.96
CA THR D 206 18.98 33.29 53.29
C THR D 206 17.62 33.73 53.81
N LYS D 207 16.57 32.96 53.49
CA LYS D 207 15.25 33.24 54.02
C LYS D 207 15.13 32.58 55.39
N SER D 208 14.65 33.33 56.39
CA SER D 208 14.67 32.83 57.76
C SER D 208 13.41 33.20 58.51
N PHE D 209 13.26 32.63 59.70
CA PHE D 209 12.16 32.95 60.60
C PHE D 209 12.59 32.67 62.04
N ASN D 210 11.87 33.30 62.97
CA ASN D 210 12.15 33.18 64.40
C ASN D 210 10.96 32.55 65.10
N ARG D 211 11.22 31.52 65.90
CA ARG D 211 10.16 30.88 66.65
C ARG D 211 9.59 31.84 67.70
N GLY D 212 8.26 31.83 67.84
CA GLY D 212 7.61 32.73 68.77
C GLY D 212 7.20 34.07 68.20
N GLU D 213 7.08 34.19 66.88
CA GLU D 213 6.78 35.45 66.25
C GLU D 213 5.74 35.28 65.16
N CYS D 214 5.17 36.42 64.76
CA CYS D 214 4.14 36.47 63.73
C CYS D 214 4.40 37.61 62.77
N THR E 6 19.80 -10.90 -33.20
CA THR E 6 18.59 -10.17 -32.89
C THR E 6 17.53 -11.08 -32.27
N ASN E 7 17.68 -11.38 -30.99
CA ASN E 7 16.68 -12.13 -30.23
C ASN E 7 16.38 -11.36 -28.95
N LEU E 8 15.09 -11.10 -28.71
CA LEU E 8 14.69 -10.29 -27.56
C LEU E 8 15.12 -10.98 -26.26
N CYS E 9 15.53 -10.17 -25.26
CA CYS E 9 15.96 -10.72 -23.98
C CYS E 9 14.74 -11.08 -23.13
N PRO E 10 14.83 -12.15 -22.32
CA PRO E 10 13.66 -12.63 -21.57
C PRO E 10 13.40 -11.84 -20.29
N PHE E 11 13.19 -10.53 -20.44
CA PHE E 11 12.89 -9.70 -19.28
C PHE E 11 11.54 -10.07 -18.66
N GLY E 12 10.63 -10.62 -19.45
CA GLY E 12 9.36 -11.06 -18.90
C GLY E 12 9.52 -12.17 -17.88
N GLU E 13 10.44 -13.10 -18.15
CA GLU E 13 10.71 -14.18 -17.20
C GLU E 13 10.95 -13.65 -15.79
N VAL E 14 11.51 -12.45 -15.66
CA VAL E 14 11.98 -11.92 -14.38
C VAL E 14 10.95 -11.00 -13.73
N PHE E 15 10.44 -10.01 -14.48
CA PHE E 15 9.56 -9.03 -13.87
C PHE E 15 8.14 -9.57 -13.66
N ASN E 16 7.62 -10.31 -14.65
CA ASN E 16 6.27 -10.86 -14.59
C ASN E 16 6.24 -12.29 -14.06
N ALA E 17 7.29 -12.70 -13.35
CA ALA E 17 7.35 -14.06 -12.82
C ALA E 17 6.22 -14.29 -11.82
N THR E 18 5.72 -15.52 -11.80
CA THR E 18 4.61 -15.86 -10.92
C THR E 18 4.95 -15.55 -9.46
N ARG E 19 5.96 -16.22 -8.93
CA ARG E 19 6.39 -16.02 -7.56
C ARG E 19 7.82 -15.50 -7.52
N PHE E 20 8.15 -14.80 -6.44
CA PHE E 20 9.46 -14.21 -6.25
C PHE E 20 10.19 -14.94 -5.12
N ALA E 21 11.52 -14.84 -5.15
CA ALA E 21 12.34 -15.48 -4.15
C ALA E 21 12.42 -14.62 -2.90
N SER E 22 12.79 -15.26 -1.79
CA SER E 22 13.04 -14.54 -0.55
C SER E 22 14.41 -13.89 -0.60
N VAL E 23 14.53 -12.74 0.07
CA VAL E 23 15.69 -11.89 -0.13
C VAL E 23 16.97 -12.58 0.31
N TYR E 24 16.90 -13.46 1.31
CA TYR E 24 18.11 -14.17 1.75
C TYR E 24 18.61 -15.12 0.67
N ALA E 25 17.70 -15.62 -0.17
CA ALA E 25 18.07 -16.51 -1.27
C ALA E 25 17.70 -15.85 -2.59
N TRP E 26 18.07 -14.57 -2.74
CA TRP E 26 17.80 -13.83 -3.96
C TRP E 26 18.11 -14.66 -5.21
N ASN E 27 17.25 -14.53 -6.22
CA ASN E 27 17.43 -15.24 -7.48
C ASN E 27 18.25 -14.39 -8.45
N ARG E 28 19.05 -15.05 -9.28
CA ARG E 28 19.89 -14.37 -10.26
C ARG E 28 19.75 -15.06 -11.62
N LYS E 29 19.49 -14.26 -12.65
CA LYS E 29 19.34 -14.75 -14.02
C LYS E 29 20.35 -14.02 -14.90
N ARG E 30 21.17 -14.78 -15.61
CA ARG E 30 22.15 -14.23 -16.54
C ARG E 30 21.47 -13.81 -17.83
N ILE E 31 22.06 -12.82 -18.50
CA ILE E 31 21.53 -12.28 -19.74
C ILE E 31 22.69 -12.15 -20.72
N SER E 32 22.55 -12.84 -21.85
CA SER E 32 23.52 -12.86 -22.94
C SER E 32 22.76 -13.23 -24.21
N ASN E 33 23.45 -13.21 -25.34
CA ASN E 33 22.91 -13.60 -26.63
C ASN E 33 21.50 -13.06 -26.84
N CYS E 34 21.36 -11.75 -26.73
CA CYS E 34 20.03 -11.16 -26.91
C CYS E 34 20.14 -9.65 -26.98
N VAL E 35 19.03 -9.02 -27.37
CA VAL E 35 18.91 -7.56 -27.43
C VAL E 35 17.65 -7.18 -26.67
N ALA E 36 17.66 -5.98 -26.08
CA ALA E 36 16.52 -5.51 -25.31
C ALA E 36 16.49 -3.99 -25.35
N ASP E 37 15.28 -3.44 -25.25
CA ASP E 37 15.07 -2.00 -25.21
C ASP E 37 14.94 -1.59 -23.76
N TYR E 38 16.04 -1.07 -23.19
CA TYR E 38 15.99 -0.65 -21.79
C TYR E 38 15.03 0.52 -21.60
N SER E 39 15.01 1.45 -22.55
CA SER E 39 14.18 2.66 -22.40
C SER E 39 12.70 2.33 -22.23
N VAL E 40 12.25 1.17 -22.72
CA VAL E 40 10.84 0.79 -22.62
C VAL E 40 10.43 0.63 -21.16
N LEU E 41 11.31 0.02 -20.35
CA LEU E 41 11.02 -0.15 -18.92
C LEU E 41 10.81 1.19 -18.26
N TYR E 42 11.84 2.03 -18.22
CA TYR E 42 11.72 3.35 -17.61
C TYR E 42 10.51 4.09 -18.14
N ASN E 43 10.14 3.85 -19.41
CA ASN E 43 8.93 4.46 -19.94
C ASN E 43 7.66 3.83 -19.37
N SER E 44 7.72 2.58 -18.90
CA SER E 44 6.53 1.95 -18.36
C SER E 44 5.97 2.72 -17.16
N ALA E 45 6.84 3.42 -16.42
CA ALA E 45 6.43 4.23 -15.25
C ALA E 45 5.51 3.44 -14.31
N SER E 46 5.60 2.12 -14.36
CA SER E 46 4.82 1.23 -13.53
C SER E 46 5.48 0.99 -12.18
N PHE E 47 6.75 1.36 -12.03
CA PHE E 47 7.53 1.12 -10.83
C PHE E 47 7.54 2.35 -9.92
N SER E 48 7.82 2.10 -8.65
CA SER E 48 7.90 3.17 -7.66
C SER E 48 9.31 3.62 -7.35
N THR E 49 10.33 2.82 -7.67
CA THR E 49 11.72 3.25 -7.54
C THR E 49 12.49 2.77 -8.75
N PHE E 50 13.26 3.67 -9.37
CA PHE E 50 14.05 3.33 -10.57
C PHE E 50 15.36 4.11 -10.51
N LYS E 51 16.28 3.67 -9.67
CA LYS E 51 17.49 4.43 -9.36
C LYS E 51 18.70 3.76 -9.98
N CYS E 52 19.39 4.47 -10.85
CA CYS E 52 20.56 3.95 -11.56
C CYS E 52 21.82 4.59 -11.01
N TYR E 53 22.81 3.74 -10.72
CA TYR E 53 24.09 4.16 -10.14
C TYR E 53 25.18 3.87 -11.16
N GLY E 54 26.06 4.85 -11.38
CA GLY E 54 27.11 4.72 -12.35
C GLY E 54 26.70 4.96 -13.78
N VAL E 55 25.50 5.46 -14.03
CA VAL E 55 25.00 5.65 -15.38
C VAL E 55 23.68 6.42 -15.36
N SER E 56 23.44 7.21 -16.41
CA SER E 56 22.21 7.97 -16.51
C SER E 56 21.04 7.05 -16.84
N PRO E 57 19.90 7.16 -16.13
CA PRO E 57 18.81 6.19 -16.38
C PRO E 57 18.25 6.25 -17.78
N THR E 58 18.18 7.45 -18.36
CA THR E 58 17.57 7.63 -19.68
C THR E 58 18.56 7.28 -20.78
N LYS E 59 18.02 6.75 -21.88
CA LYS E 59 18.79 6.30 -23.03
C LYS E 59 20.06 5.57 -22.62
N LEU E 60 19.89 4.29 -22.29
CA LEU E 60 20.97 3.36 -22.05
C LEU E 60 20.99 2.24 -23.08
N ASN E 61 19.89 2.04 -23.82
CA ASN E 61 19.87 1.09 -24.92
C ASN E 61 20.96 1.39 -25.95
N ASP E 62 21.53 2.60 -25.95
CA ASP E 62 22.65 2.87 -26.84
C ASP E 62 23.88 2.05 -26.45
N LEU E 63 24.17 1.98 -25.15
CA LEU E 63 25.36 1.29 -24.68
C LEU E 63 25.22 -0.22 -24.82
N CYS E 64 26.37 -0.89 -24.95
CA CYS E 64 26.45 -2.34 -25.01
C CYS E 64 27.26 -2.88 -23.85
N PHE E 65 26.85 -4.05 -23.35
CA PHE E 65 27.55 -4.73 -22.27
C PHE E 65 27.76 -6.19 -22.63
N THR E 66 28.74 -6.81 -21.98
CA THR E 66 29.09 -8.19 -22.30
C THR E 66 28.20 -9.18 -21.58
N ASN E 67 27.94 -8.98 -20.29
CA ASN E 67 27.04 -9.86 -19.56
C ASN E 67 26.16 -9.00 -18.66
N VAL E 68 24.88 -9.38 -18.58
CA VAL E 68 23.97 -8.68 -17.67
C VAL E 68 23.45 -9.68 -16.64
N TYR E 69 23.10 -9.17 -15.46
CA TYR E 69 22.61 -10.00 -14.37
C TYR E 69 21.37 -9.36 -13.78
N ALA E 70 20.29 -10.14 -13.69
CA ALA E 70 19.03 -9.66 -13.13
C ALA E 70 18.79 -10.41 -11.82
N ASP E 71 18.84 -9.70 -10.71
CA ASP E 71 18.66 -10.28 -9.37
C ASP E 71 17.28 -9.89 -8.85
N SER E 72 16.46 -10.88 -8.54
CA SER E 72 15.09 -10.65 -8.09
C SER E 72 14.91 -11.12 -6.65
N PHE E 73 14.18 -10.31 -5.87
CA PHE E 73 13.79 -10.70 -4.52
C PHE E 73 12.63 -9.84 -4.03
N VAL E 74 12.16 -10.12 -2.80
CA VAL E 74 11.06 -9.43 -2.16
C VAL E 74 11.52 -8.90 -0.81
N ILE E 75 11.08 -7.69 -0.46
CA ILE E 75 11.43 -7.10 0.83
C ILE E 75 10.32 -6.14 1.26
N ARG E 76 10.54 -5.45 2.37
CA ARG E 76 9.62 -4.40 2.81
C ARG E 76 9.88 -3.13 2.00
N GLY E 77 9.04 -2.13 2.23
CA GLY E 77 9.22 -0.84 1.57
C GLY E 77 10.27 -0.01 2.24
N ASP E 78 10.20 0.10 3.57
CA ASP E 78 11.21 0.83 4.32
C ASP E 78 12.61 0.39 3.93
N GLU E 79 12.76 -0.87 3.50
CA GLU E 79 14.05 -1.45 3.19
C GLU E 79 14.51 -1.20 1.76
N VAL E 80 13.66 -0.63 0.91
CA VAL E 80 14.06 -0.45 -0.49
C VAL E 80 15.29 0.44 -0.58
N ARG E 81 15.33 1.50 0.24
CA ARG E 81 16.49 2.37 0.25
C ARG E 81 17.78 1.63 0.58
N GLN E 82 17.67 0.45 1.20
CA GLN E 82 18.87 -0.32 1.50
C GLN E 82 19.48 -0.96 0.27
N ILE E 83 18.66 -1.23 -0.75
CA ILE E 83 19.17 -1.86 -1.97
C ILE E 83 19.86 -0.77 -2.79
N ALA E 84 21.03 -0.34 -2.33
CA ALA E 84 21.79 0.74 -2.97
C ALA E 84 23.21 0.71 -2.43
N PRO E 85 24.19 1.13 -3.22
CA PRO E 85 25.58 1.11 -2.76
C PRO E 85 25.73 1.75 -1.38
N GLY E 86 26.63 1.20 -0.59
CA GLY E 86 26.96 1.75 0.71
C GLY E 86 25.78 2.09 1.59
N GLN E 87 24.93 1.11 1.85
CA GLN E 87 23.80 1.27 2.77
C GLN E 87 23.87 0.17 3.82
N THR E 88 23.39 0.50 5.03
CA THR E 88 23.46 -0.41 6.16
C THR E 88 22.07 -0.77 6.66
N GLY E 89 21.96 -1.96 7.20
CA GLY E 89 20.69 -2.51 7.66
C GLY E 89 20.72 -4.03 7.59
N LYS E 90 19.64 -4.63 8.10
CA LYS E 90 19.54 -6.09 8.06
C LYS E 90 19.70 -6.60 6.64
N ILE E 91 19.09 -5.93 5.66
CA ILE E 91 19.11 -6.42 4.29
C ILE E 91 20.50 -6.22 3.68
N ALA E 92 21.05 -5.01 3.80
CA ALA E 92 22.34 -4.73 3.17
C ALA E 92 23.46 -5.50 3.82
N ASP E 93 23.33 -5.85 5.10
CA ASP E 93 24.41 -6.50 5.83
C ASP E 93 24.29 -8.02 5.80
N TYR E 94 23.07 -8.54 5.88
CA TYR E 94 22.84 -9.96 6.08
C TYR E 94 22.17 -10.67 4.90
N ASN E 95 21.82 -9.96 3.84
CA ASN E 95 20.96 -10.57 2.84
C ASN E 95 21.35 -10.25 1.40
N TYR E 96 21.57 -8.97 1.09
CA TYR E 96 21.92 -8.57 -0.27
C TYR E 96 22.69 -7.26 -0.21
N LYS E 97 23.97 -7.34 -0.54
CA LYS E 97 24.87 -6.20 -0.49
C LYS E 97 25.25 -5.82 -1.91
N LEU E 98 25.17 -4.53 -2.22
CA LEU E 98 25.69 -4.10 -3.49
C LEU E 98 27.10 -3.54 -3.30
N PRO E 99 28.03 -3.76 -4.23
CA PRO E 99 29.35 -3.15 -4.08
C PRO E 99 29.23 -1.64 -4.08
N ASP E 100 30.28 -0.99 -3.60
CA ASP E 100 30.34 0.46 -3.63
C ASP E 100 30.54 0.97 -5.05
N ASP E 101 31.37 0.29 -5.84
CA ASP E 101 31.56 0.66 -7.24
C ASP E 101 30.48 0.07 -8.14
N PHE E 102 29.23 0.13 -7.69
CA PHE E 102 28.13 -0.45 -8.43
C PHE E 102 27.86 0.34 -9.70
N THR E 103 27.63 -0.38 -10.80
CA THR E 103 27.29 0.24 -12.09
C THR E 103 26.08 -0.54 -12.63
N GLY E 104 24.89 -0.09 -12.27
CA GLY E 104 23.68 -0.80 -12.61
C GLY E 104 22.45 0.01 -12.26
N CYS E 105 21.32 -0.67 -12.16
CA CYS E 105 20.06 -0.01 -11.84
C CYS E 105 19.25 -0.86 -10.87
N VAL E 106 18.47 -0.18 -10.03
CA VAL E 106 17.69 -0.79 -8.96
C VAL E 106 16.23 -0.40 -9.19
N ILE E 107 15.39 -1.39 -9.47
CA ILE E 107 13.98 -1.17 -9.78
C ILE E 107 13.15 -1.84 -8.70
N ALA E 108 12.12 -1.15 -8.24
CA ALA E 108 11.29 -1.65 -7.16
C ALA E 108 9.86 -1.21 -7.35
N TRP E 109 8.93 -2.12 -7.04
CA TRP E 109 7.51 -1.81 -7.17
C TRP E 109 6.72 -2.59 -6.15
N ASN E 110 5.62 -1.99 -5.69
CA ASN E 110 4.78 -2.58 -4.66
C ASN E 110 3.99 -3.77 -5.21
N SER E 111 3.80 -4.79 -4.38
CA SER E 111 3.16 -6.02 -4.83
C SER E 111 2.17 -6.57 -3.81
N ASN E 112 1.54 -5.68 -3.03
CA ASN E 112 0.62 -6.14 -1.99
C ASN E 112 -0.55 -6.93 -2.56
N ASN E 113 -0.97 -6.63 -3.79
CA ASN E 113 -2.17 -7.26 -4.33
C ASN E 113 -1.97 -8.74 -4.62
N LEU E 114 -0.72 -9.18 -4.79
CA LEU E 114 -0.44 -10.58 -5.11
C LEU E 114 0.49 -11.27 -4.11
N ASP E 115 1.22 -10.52 -3.29
CA ASP E 115 2.16 -11.09 -2.34
C ASP E 115 1.67 -11.00 -0.90
N SER E 116 0.46 -10.52 -0.67
CA SER E 116 -0.14 -10.55 0.64
C SER E 116 -1.34 -11.47 0.60
N LYS E 117 -1.68 -12.01 1.76
CA LYS E 117 -2.77 -12.96 1.90
C LYS E 117 -3.50 -12.62 3.18
N VAL E 118 -4.83 -12.68 3.13
CA VAL E 118 -5.62 -12.60 4.35
C VAL E 118 -5.03 -13.60 5.33
N GLY E 119 -4.92 -13.19 6.60
CA GLY E 119 -4.25 -14.03 7.56
C GLY E 119 -2.75 -14.12 7.40
N GLY E 120 -2.15 -13.24 6.62
CA GLY E 120 -0.71 -13.12 6.57
C GLY E 120 -0.01 -14.12 5.68
N ASN E 121 0.93 -13.64 4.86
CA ASN E 121 1.75 -14.50 4.03
C ASN E 121 3.11 -14.67 4.72
N TYR E 122 3.46 -15.92 5.04
CA TYR E 122 4.69 -16.25 5.75
C TYR E 122 5.66 -17.00 4.85
N ASN E 123 5.53 -16.84 3.53
CA ASN E 123 6.44 -17.49 2.60
C ASN E 123 7.74 -16.72 2.40
N TYR E 124 7.74 -15.41 2.66
CA TYR E 124 8.88 -14.56 2.36
C TYR E 124 9.70 -14.33 3.63
N LEU E 125 10.97 -14.72 3.58
CA LEU E 125 11.85 -14.70 4.74
C LEU E 125 13.03 -13.76 4.54
N TYR E 126 13.72 -13.49 5.64
CA TYR E 126 14.92 -12.67 5.65
C TYR E 126 15.79 -13.10 6.82
N ARG E 127 17.09 -12.90 6.67
CA ARG E 127 18.07 -13.33 7.67
C ARG E 127 18.23 -12.26 8.75
N LEU E 128 18.14 -12.69 10.01
CA LEU E 128 18.09 -11.78 11.15
C LEU E 128 19.38 -11.74 11.95
N PHE E 129 20.08 -12.87 12.08
CA PHE E 129 21.35 -12.93 12.79
C PHE E 129 22.43 -13.47 11.85
N ARG E 130 23.63 -12.90 11.97
CA ARG E 130 24.81 -13.37 11.24
C ARG E 130 26.04 -12.83 11.95
N LYS E 131 27.14 -13.60 11.89
CA LYS E 131 28.35 -13.19 12.60
C LYS E 131 29.02 -11.99 11.93
N SER E 132 29.19 -12.03 10.60
CA SER E 132 29.89 -10.97 9.88
C SER E 132 29.07 -10.50 8.70
N ASN E 133 29.20 -9.21 8.38
CA ASN E 133 28.46 -8.61 7.26
C ASN E 133 28.68 -9.40 5.98
N LEU E 134 27.79 -9.22 4.99
CA LEU E 134 27.90 -9.93 3.73
C LEU E 134 28.80 -9.17 2.76
N LYS E 135 29.63 -9.92 2.03
CA LYS E 135 30.38 -9.36 0.93
C LYS E 135 29.43 -9.11 -0.24
N PRO E 136 29.74 -8.14 -1.10
CA PRO E 136 28.80 -7.79 -2.18
C PRO E 136 28.44 -8.99 -3.04
N PHE E 137 27.19 -9.06 -3.45
CA PHE E 137 26.71 -10.10 -4.35
C PHE E 137 26.95 -11.51 -3.78
N GLU E 138 27.07 -11.64 -2.47
CA GLU E 138 27.22 -12.95 -1.85
C GLU E 138 25.84 -13.42 -1.40
N ARG E 139 25.64 -14.73 -1.43
CA ARG E 139 24.39 -15.34 -0.99
C ARG E 139 24.68 -16.31 0.13
N ASP E 140 23.85 -16.27 1.17
CA ASP E 140 23.94 -17.23 2.27
C ASP E 140 22.56 -17.85 2.45
N ILE E 141 22.43 -19.13 2.08
CA ILE E 141 21.21 -19.87 2.31
C ILE E 141 21.34 -20.79 3.52
N SER E 142 22.42 -20.66 4.29
CA SER E 142 22.60 -21.52 5.45
C SER E 142 21.41 -21.37 6.40
N THR E 143 21.13 -22.44 7.14
CA THR E 143 19.97 -22.48 8.03
C THR E 143 20.37 -23.04 9.40
N GLU E 144 21.64 -22.95 9.75
CA GLU E 144 22.12 -23.49 11.02
C GLU E 144 21.62 -22.65 12.17
N ILE E 145 21.11 -23.31 13.22
CA ILE E 145 20.68 -22.60 14.42
C ILE E 145 21.76 -21.62 14.84
N TYR E 146 21.38 -20.37 15.03
CA TYR E 146 22.32 -19.35 15.46
C TYR E 146 22.46 -19.40 16.98
N GLN E 147 23.69 -19.27 17.46
CA GLN E 147 24.02 -19.49 18.86
C GLN E 147 24.59 -18.20 19.43
N ALA E 148 23.80 -17.53 20.26
CA ALA E 148 24.19 -16.26 20.85
C ALA E 148 24.80 -16.42 22.24
N GLY E 149 24.34 -17.39 23.00
CA GLY E 149 24.87 -17.63 24.32
C GLY E 149 26.18 -18.40 24.28
N SER E 150 26.83 -18.42 25.45
CA SER E 150 28.07 -19.17 25.59
C SER E 150 27.84 -20.68 25.54
N THR E 151 26.63 -21.15 25.87
CA THR E 151 26.30 -22.56 25.87
C THR E 151 25.96 -23.05 24.46
N PRO E 152 26.21 -24.32 24.14
CA PRO E 152 25.95 -24.81 22.77
C PRO E 152 24.49 -25.18 22.56
N CYS E 153 23.99 -24.84 21.37
CA CYS E 153 22.58 -25.04 21.07
C CYS E 153 22.27 -26.48 20.67
N ASN E 154 23.17 -27.13 19.95
CA ASN E 154 22.95 -28.51 19.47
C ASN E 154 21.68 -28.61 18.64
N GLY E 155 21.40 -27.55 17.87
CA GLY E 155 20.31 -27.55 16.92
C GLY E 155 18.92 -27.54 17.50
N VAL E 156 18.65 -26.66 18.48
CA VAL E 156 17.35 -26.58 19.13
C VAL E 156 16.99 -25.12 19.35
N GLU E 157 15.79 -24.74 18.92
CA GLU E 157 15.34 -23.37 19.10
C GLU E 157 15.06 -23.07 20.57
N GLY E 158 15.33 -21.84 20.97
CA GLY E 158 14.96 -21.37 22.30
C GLY E 158 15.55 -20.00 22.56
N PHE E 159 15.73 -19.68 23.84
CA PHE E 159 16.49 -18.49 24.19
C PHE E 159 17.97 -18.69 23.88
N ASN E 160 18.62 -17.62 23.47
CA ASN E 160 20.02 -17.63 23.04
C ASN E 160 20.30 -18.69 21.98
N CYS E 161 19.26 -19.18 21.31
CA CYS E 161 19.41 -20.24 20.31
C CYS E 161 18.33 -20.00 19.26
N TYR E 162 18.60 -19.03 18.39
CA TYR E 162 17.61 -18.51 17.46
C TYR E 162 17.80 -19.12 16.09
N PHE E 163 16.70 -19.53 15.49
CA PHE E 163 16.71 -19.88 14.09
C PHE E 163 16.97 -18.62 13.27
N PRO E 164 17.90 -18.65 12.31
CA PRO E 164 18.44 -17.40 11.76
C PRO E 164 17.52 -16.68 10.80
N LEU E 165 16.55 -17.36 10.21
CA LEU E 165 15.65 -16.75 9.24
C LEU E 165 14.30 -16.47 9.89
N GLN E 166 13.71 -15.32 9.55
CA GLN E 166 12.45 -14.89 10.12
C GLN E 166 11.57 -14.38 9.00
N SER E 167 10.25 -14.48 9.19
CA SER E 167 9.30 -14.21 8.14
C SER E 167 8.81 -12.76 8.18
N TYR E 168 8.62 -12.19 7.00
CA TYR E 168 7.97 -10.90 6.89
C TYR E 168 6.50 -11.04 7.25
N GLY E 169 6.01 -10.11 8.07
CA GLY E 169 4.60 -10.13 8.42
C GLY E 169 3.76 -9.43 7.36
N PHE E 170 3.60 -10.06 6.20
CA PHE E 170 2.93 -9.42 5.07
C PHE E 170 1.41 -9.56 5.26
N GLN E 171 0.92 -8.82 6.24
CA GLN E 171 -0.50 -8.62 6.45
C GLN E 171 -1.02 -7.62 5.43
N PRO E 172 -2.16 -7.88 4.78
CA PRO E 172 -2.77 -6.83 3.94
C PRO E 172 -3.01 -5.53 4.67
N THR E 173 -3.62 -5.56 5.85
CA THR E 173 -3.93 -4.34 6.59
C THR E 173 -2.69 -3.67 7.17
N ASN E 174 -1.60 -3.63 6.43
CA ASN E 174 -0.36 -3.09 6.96
C ASN E 174 0.00 -1.81 6.20
N GLY E 175 0.71 -0.92 6.88
CA GLY E 175 1.17 0.30 6.26
C GLY E 175 2.12 0.02 5.11
N VAL E 176 2.47 1.09 4.41
CA VAL E 176 3.24 0.94 3.18
C VAL E 176 4.62 0.38 3.46
N GLY E 177 5.23 0.81 4.57
CA GLY E 177 6.58 0.39 4.89
C GLY E 177 6.72 -1.09 5.20
N TYR E 178 5.63 -1.73 5.62
CA TYR E 178 5.61 -3.16 5.90
C TYR E 178 4.87 -3.92 4.81
N GLN E 179 4.49 -3.24 3.74
CA GLN E 179 3.91 -3.90 2.57
C GLN E 179 5.03 -4.52 1.74
N PRO E 180 4.76 -5.64 1.09
CA PRO E 180 5.78 -6.27 0.25
C PRO E 180 6.13 -5.38 -0.93
N TYR E 181 7.34 -5.57 -1.44
CA TYR E 181 7.84 -4.82 -2.58
C TYR E 181 8.79 -5.76 -3.32
N ARG E 182 8.56 -5.92 -4.63
CA ARG E 182 9.41 -6.73 -5.47
C ARG E 182 10.51 -5.85 -6.05
N VAL E 183 11.73 -6.39 -6.02
CA VAL E 183 12.95 -5.67 -6.36
C VAL E 183 13.71 -6.46 -7.41
N VAL E 184 14.17 -5.77 -8.44
CA VAL E 184 15.02 -6.34 -9.47
C VAL E 184 16.24 -5.43 -9.63
N VAL E 185 17.41 -6.03 -9.58
CA VAL E 185 18.67 -5.30 -9.65
C VAL E 185 19.39 -5.75 -10.93
N LEU E 186 19.58 -4.82 -11.84
CA LEU E 186 20.28 -5.07 -13.09
C LEU E 186 21.73 -4.64 -12.94
N SER E 187 22.64 -5.59 -13.08
CA SER E 187 24.07 -5.37 -12.99
C SER E 187 24.70 -5.61 -14.36
N PHE E 188 25.58 -4.71 -14.77
CA PHE E 188 26.21 -4.74 -16.08
C PHE E 188 27.70 -5.02 -15.92
N GLU E 189 28.22 -6.03 -16.63
CA GLU E 189 29.63 -6.37 -16.54
C GLU E 189 30.23 -6.47 -17.94
N LEU E 190 31.42 -5.87 -18.10
CA LEU E 190 32.13 -5.86 -19.37
C LEU E 190 33.29 -6.87 -19.34
N LEU E 191 34.32 -6.57 -18.55
CA LEU E 191 35.45 -7.48 -18.30
C LEU E 191 36.11 -7.99 -19.58
N HIS E 192 36.32 -7.07 -20.54
CA HIS E 192 37.08 -7.35 -21.75
C HIS E 192 36.68 -8.67 -22.39
N ALA E 193 35.54 -8.67 -23.05
CA ALA E 193 34.95 -9.88 -23.59
C ALA E 193 34.07 -9.51 -24.77
N PRO E 194 33.58 -10.50 -25.52
CA PRO E 194 32.68 -10.18 -26.64
C PRO E 194 31.37 -9.58 -26.17
N ALA E 195 30.93 -8.54 -26.88
CA ALA E 195 29.66 -7.88 -26.58
C ALA E 195 28.52 -8.77 -27.10
N THR E 196 27.94 -9.57 -26.21
CA THR E 196 26.84 -10.45 -26.57
C THR E 196 25.47 -9.88 -26.23
N VAL E 197 25.41 -8.78 -25.48
CA VAL E 197 24.17 -8.08 -25.19
C VAL E 197 24.33 -6.63 -25.62
N CYS E 198 23.32 -6.09 -26.29
CA CYS E 198 23.36 -4.74 -26.82
C CYS E 198 21.96 -4.16 -26.81
N GLY E 199 21.83 -2.94 -27.33
CA GLY E 199 20.54 -2.34 -27.57
C GLY E 199 20.29 -2.11 -29.04
N PRO E 200 19.07 -1.71 -29.41
CA PRO E 200 18.67 -1.58 -30.82
C PRO E 200 19.24 -0.36 -31.52
N PHE F 2 1.70 41.65 11.56
CA PHE F 2 2.07 40.61 12.52
C PHE F 2 0.92 40.37 13.49
N PRO F 3 0.86 39.18 14.08
CA PRO F 3 -0.28 38.84 14.96
C PRO F 3 -0.26 39.59 16.30
N ASN F 4 0.89 39.56 16.98
CA ASN F 4 1.10 40.11 18.33
C ASN F 4 0.69 39.08 19.41
N ILE F 5 0.29 37.86 19.03
CA ILE F 5 -0.03 36.79 19.98
C ILE F 5 0.61 35.48 19.52
N THR F 6 1.12 34.70 20.47
CA THR F 6 1.88 33.48 20.19
C THR F 6 1.06 32.25 20.57
N ASN F 7 0.28 31.75 19.62
CA ASN F 7 -0.55 30.56 19.83
C ASN F 7 -0.29 29.57 18.70
N LEU F 8 0.27 28.41 19.04
CA LEU F 8 0.51 27.37 18.07
C LEU F 8 -0.78 27.01 17.33
N CYS F 9 -0.66 26.75 15.99
CA CYS F 9 -1.86 26.48 15.21
C CYS F 9 -2.26 25.01 15.31
N PRO F 10 -3.57 24.72 15.29
CA PRO F 10 -4.05 23.34 15.48
C PRO F 10 -3.91 22.48 14.23
N PHE F 11 -2.67 22.31 13.77
CA PHE F 11 -2.41 21.44 12.63
C PHE F 11 -2.62 19.97 12.99
N GLY F 12 -2.33 19.58 14.24
CA GLY F 12 -2.55 18.20 14.64
C GLY F 12 -4.01 17.78 14.54
N GLU F 13 -4.93 18.69 14.87
CA GLU F 13 -6.35 18.41 14.73
C GLU F 13 -6.69 17.86 13.34
N VAL F 14 -5.96 18.29 12.32
CA VAL F 14 -6.32 17.97 10.93
C VAL F 14 -5.59 16.73 10.43
N PHE F 15 -4.27 16.67 10.57
CA PHE F 15 -3.54 15.53 10.04
C PHE F 15 -3.78 14.27 10.88
N ASN F 16 -3.72 14.41 12.20
CA ASN F 16 -3.89 13.28 13.10
C ASN F 16 -5.35 13.06 13.48
N ALA F 17 -6.29 13.61 12.71
CA ALA F 17 -7.71 13.40 12.97
C ALA F 17 -8.05 11.92 12.85
N THR F 18 -8.98 11.46 13.69
CA THR F 18 -9.32 10.05 13.72
C THR F 18 -9.87 9.57 12.38
N ARG F 19 -11.02 10.12 11.98
CA ARG F 19 -11.67 9.74 10.73
C ARG F 19 -11.59 10.91 9.75
N PHE F 20 -11.46 10.58 8.47
CA PHE F 20 -11.39 11.57 7.40
C PHE F 20 -12.70 11.57 6.63
N ALA F 21 -13.02 12.71 6.04
CA ALA F 21 -14.26 12.84 5.28
C ALA F 21 -14.09 12.21 3.89
N SER F 22 -15.23 11.95 3.25
CA SER F 22 -15.23 11.46 1.88
C SER F 22 -15.06 12.63 0.93
N VAL F 23 -14.35 12.37 -0.18
CA VAL F 23 -13.84 13.46 -0.99
C VAL F 23 -14.98 14.34 -1.50
N TYR F 24 -16.12 13.74 -1.85
CA TYR F 24 -17.23 14.53 -2.36
C TYR F 24 -17.67 15.58 -1.34
N ALA F 25 -17.58 15.25 -0.06
CA ALA F 25 -17.90 16.19 1.01
C ALA F 25 -16.63 16.51 1.78
N TRP F 26 -15.61 17.00 1.08
CA TRP F 26 -14.36 17.38 1.71
C TRP F 26 -14.58 18.29 2.91
N ASN F 27 -13.73 18.11 3.94
CA ASN F 27 -13.81 18.92 5.15
C ASN F 27 -12.85 20.10 5.04
N ARG F 28 -13.25 21.25 5.61
CA ARG F 28 -12.43 22.46 5.54
C ARG F 28 -12.31 23.07 6.93
N LYS F 29 -11.08 23.21 7.41
CA LYS F 29 -10.78 23.84 8.70
C LYS F 29 -10.11 25.19 8.42
N ARG F 30 -10.75 26.27 8.88
CA ARG F 30 -10.15 27.59 8.87
C ARG F 30 -9.02 27.64 9.89
N ILE F 31 -8.02 28.48 9.64
CA ILE F 31 -6.91 28.69 10.55
C ILE F 31 -6.59 30.18 10.58
N SER F 32 -6.64 30.77 11.78
CA SER F 32 -6.40 32.18 11.97
C SER F 32 -5.98 32.43 13.42
N ASN F 33 -5.56 33.68 13.68
CA ASN F 33 -5.13 34.13 15.01
C ASN F 33 -4.19 33.12 15.67
N CYS F 34 -3.17 32.69 14.93
CA CYS F 34 -2.23 31.71 15.44
C CYS F 34 -0.93 31.77 14.65
N VAL F 35 0.06 30.99 15.11
CA VAL F 35 1.37 30.89 14.49
C VAL F 35 1.71 29.41 14.38
N ALA F 36 2.44 29.04 13.35
CA ALA F 36 2.83 27.64 13.21
C ALA F 36 4.03 27.50 12.31
N ASP F 37 4.83 26.48 12.58
CA ASP F 37 6.03 26.18 11.81
C ASP F 37 5.66 25.21 10.70
N TYR F 38 5.62 25.71 9.46
CA TYR F 38 5.33 24.84 8.33
C TYR F 38 6.45 23.83 8.10
N SER F 39 7.71 24.27 8.17
CA SER F 39 8.85 23.41 7.83
C SER F 39 8.91 22.13 8.67
N VAL F 40 8.23 22.09 9.82
CA VAL F 40 8.17 20.87 10.61
C VAL F 40 7.52 19.75 9.81
N LEU F 41 6.45 20.08 9.07
CA LEU F 41 5.74 19.11 8.26
C LEU F 41 6.66 18.48 7.21
N TYR F 42 7.22 19.32 6.33
CA TYR F 42 8.12 18.80 5.30
C TYR F 42 9.24 17.98 5.94
N ASN F 43 9.89 18.52 6.97
CA ASN F 43 10.97 17.79 7.63
C ASN F 43 10.52 16.41 8.06
N SER F 44 9.30 16.30 8.63
CA SER F 44 8.82 14.99 9.08
C SER F 44 9.04 13.95 7.99
N ALA F 45 8.76 14.30 6.74
CA ALA F 45 9.02 13.49 5.57
C ALA F 45 8.32 12.13 5.64
N SER F 46 7.24 12.05 6.40
CA SER F 46 6.44 10.83 6.49
C SER F 46 5.36 10.77 5.41
N PHE F 47 5.27 11.78 4.55
CA PHE F 47 4.27 11.89 3.50
C PHE F 47 4.82 11.41 2.16
N SER F 48 3.90 11.00 1.28
CA SER F 48 4.26 10.46 -0.03
C SER F 48 4.17 11.48 -1.17
N THR F 49 3.27 12.46 -1.08
CA THR F 49 3.23 13.55 -2.04
C THR F 49 3.21 14.84 -1.26
N PHE F 50 4.10 15.79 -1.60
CA PHE F 50 4.18 17.07 -0.90
C PHE F 50 4.53 18.16 -1.92
N LYS F 51 3.54 18.56 -2.70
CA LYS F 51 3.77 19.46 -3.83
C LYS F 51 3.16 20.82 -3.56
N CYS F 52 3.96 21.88 -3.73
CA CYS F 52 3.50 23.24 -3.51
C CYS F 52 3.51 24.03 -4.81
N TYR F 53 2.48 24.86 -4.99
CA TYR F 53 2.33 25.70 -6.16
C TYR F 53 2.16 27.14 -5.71
N GLY F 54 2.94 28.03 -6.30
CA GLY F 54 2.89 29.44 -5.96
C GLY F 54 3.79 29.86 -4.80
N VAL F 55 4.58 28.93 -4.25
CA VAL F 55 5.44 29.26 -3.11
C VAL F 55 6.46 28.16 -2.94
N SER F 56 7.65 28.55 -2.48
CA SER F 56 8.71 27.58 -2.23
C SER F 56 8.40 26.79 -0.96
N PRO F 57 8.47 25.45 -0.99
CA PRO F 57 8.22 24.71 0.25
C PRO F 57 9.38 24.82 1.22
N THR F 58 10.60 24.91 0.70
CA THR F 58 11.82 24.86 1.49
C THR F 58 11.88 25.97 2.53
N LYS F 59 11.36 25.69 3.73
CA LYS F 59 11.46 26.59 4.88
C LYS F 59 10.93 27.99 4.54
N LEU F 60 9.67 28.02 4.09
CA LEU F 60 9.03 29.30 3.77
C LEU F 60 7.96 29.62 4.81
N ASN F 61 8.39 29.75 6.06
CA ASN F 61 7.57 30.26 7.15
C ASN F 61 7.66 31.76 7.31
N ASP F 62 8.65 32.39 6.66
CA ASP F 62 8.84 33.82 6.79
C ASP F 62 7.59 34.61 6.43
N LEU F 63 6.68 33.99 5.69
CA LEU F 63 5.53 34.69 5.11
C LEU F 63 4.34 34.66 6.06
N CYS F 64 3.54 35.72 5.99
CA CYS F 64 2.34 35.87 6.79
C CYS F 64 1.14 36.01 5.86
N PHE F 65 0.07 35.28 6.17
CA PHE F 65 -1.13 35.26 5.35
C PHE F 65 -2.35 35.72 6.14
N THR F 66 -3.33 36.25 5.41
CA THR F 66 -4.57 36.68 6.04
C THR F 66 -5.27 35.52 6.72
N ASN F 67 -5.52 34.44 5.98
CA ASN F 67 -6.15 33.26 6.54
C ASN F 67 -5.54 32.02 5.90
N VAL F 68 -5.74 30.86 6.53
CA VAL F 68 -5.30 29.62 5.92
C VAL F 68 -6.46 28.63 5.96
N TYR F 69 -6.49 27.74 4.98
CA TYR F 69 -7.56 26.76 4.84
C TYR F 69 -6.95 25.38 4.68
N ALA F 70 -7.29 24.46 5.58
CA ALA F 70 -6.85 23.08 5.51
C ALA F 70 -8.02 22.22 5.08
N ASP F 71 -7.98 21.71 3.85
CA ASP F 71 -9.03 20.85 3.31
C ASP F 71 -8.57 19.41 3.36
N SER F 72 -9.35 18.54 4.00
CA SER F 72 -8.99 17.15 4.22
C SER F 72 -10.02 16.21 3.61
N PHE F 73 -9.53 15.11 3.02
CA PHE F 73 -10.40 14.08 2.43
C PHE F 73 -9.59 12.83 2.12
N VAL F 74 -10.28 11.81 1.57
CA VAL F 74 -9.69 10.52 1.24
C VAL F 74 -10.00 10.16 -0.21
N ILE F 75 -9.00 9.63 -0.92
CA ILE F 75 -9.18 9.21 -2.31
C ILE F 75 -8.29 7.99 -2.59
N ARG F 76 -8.16 7.60 -3.86
CA ARG F 76 -7.21 6.55 -4.21
C ARG F 76 -5.86 7.18 -4.55
N GLY F 77 -4.85 6.32 -4.71
CA GLY F 77 -3.53 6.80 -5.06
C GLY F 77 -3.46 7.31 -6.49
N ASP F 78 -3.91 6.48 -7.45
CA ASP F 78 -3.94 6.92 -8.84
C ASP F 78 -4.57 8.29 -8.96
N GLU F 79 -5.50 8.62 -8.07
CA GLU F 79 -6.24 9.87 -8.13
C GLU F 79 -5.53 11.03 -7.46
N VAL F 80 -4.40 10.80 -6.79
CA VAL F 80 -3.71 11.92 -6.15
C VAL F 80 -3.19 12.89 -7.19
N ARG F 81 -2.83 12.38 -8.38
CA ARG F 81 -2.36 13.23 -9.46
C ARG F 81 -3.39 14.29 -9.85
N GLN F 82 -4.67 14.07 -9.51
CA GLN F 82 -5.71 15.03 -9.85
C GLN F 82 -5.85 16.16 -8.85
N ILE F 83 -5.26 16.05 -7.67
CA ILE F 83 -5.38 17.11 -6.67
C ILE F 83 -4.29 18.13 -6.96
N ALA F 84 -4.41 18.80 -8.10
CA ALA F 84 -3.45 19.80 -8.54
C ALA F 84 -4.17 20.74 -9.49
N PRO F 85 -3.60 21.92 -9.74
CA PRO F 85 -4.27 22.89 -10.62
C PRO F 85 -4.41 22.35 -12.04
N GLY F 86 -5.56 22.63 -12.65
CA GLY F 86 -5.76 22.31 -14.05
C GLY F 86 -5.59 20.84 -14.38
N GLN F 87 -6.25 19.99 -13.60
CA GLN F 87 -6.25 18.55 -13.81
C GLN F 87 -7.69 18.11 -14.06
N THR F 88 -7.86 17.06 -14.86
CA THR F 88 -9.19 16.52 -15.11
C THR F 88 -9.29 15.08 -14.64
N GLY F 89 -10.51 14.68 -14.32
CA GLY F 89 -10.80 13.37 -13.79
C GLY F 89 -12.08 13.43 -12.98
N LYS F 90 -12.62 12.25 -12.69
CA LYS F 90 -13.84 12.19 -11.89
C LYS F 90 -13.70 13.05 -10.64
N ILE F 91 -12.51 13.06 -10.02
CA ILE F 91 -12.32 13.77 -8.77
C ILE F 91 -12.21 15.27 -9.00
N ALA F 92 -11.38 15.68 -9.95
CA ALA F 92 -11.19 17.10 -10.22
C ALA F 92 -12.42 17.73 -10.88
N ASP F 93 -13.25 16.93 -11.55
CA ASP F 93 -14.43 17.45 -12.20
C ASP F 93 -15.63 17.46 -11.26
N TYR F 94 -15.84 16.38 -10.51
CA TYR F 94 -17.08 16.15 -9.80
C TYR F 94 -16.96 16.21 -8.28
N ASN F 95 -15.76 16.43 -7.74
CA ASN F 95 -15.60 16.26 -6.30
C ASN F 95 -14.84 17.41 -5.63
N TYR F 96 -13.65 17.73 -6.14
CA TYR F 96 -12.80 18.75 -5.53
C TYR F 96 -11.94 19.37 -6.60
N LYS F 97 -12.14 20.65 -6.87
CA LYS F 97 -11.40 21.35 -7.92
C LYS F 97 -10.47 22.39 -7.30
N LEU F 98 -9.24 22.45 -7.83
CA LEU F 98 -8.34 23.53 -7.44
C LEU F 98 -8.30 24.59 -8.53
N PRO F 99 -8.28 25.87 -8.16
CA PRO F 99 -8.17 26.92 -9.18
C PRO F 99 -6.84 26.85 -9.89
N ASP F 100 -6.84 27.38 -11.12
CA ASP F 100 -5.62 27.38 -11.92
C ASP F 100 -4.57 28.33 -11.35
N ASP F 101 -5.01 29.44 -10.75
CA ASP F 101 -4.11 30.34 -10.03
C ASP F 101 -3.93 29.91 -8.58
N PHE F 102 -3.81 28.60 -8.35
CA PHE F 102 -3.78 28.08 -6.99
C PHE F 102 -2.45 28.38 -6.33
N THR F 103 -2.49 29.01 -5.17
CA THR F 103 -1.30 29.27 -4.36
C THR F 103 -1.49 28.54 -3.03
N GLY F 104 -0.81 27.40 -2.89
CA GLY F 104 -0.96 26.57 -1.72
C GLY F 104 -0.07 25.34 -1.81
N CYS F 105 -0.35 24.36 -0.95
CA CYS F 105 0.39 23.12 -0.93
C CYS F 105 -0.57 21.94 -0.84
N VAL F 106 -0.13 20.80 -1.35
CA VAL F 106 -0.92 19.58 -1.48
C VAL F 106 -0.13 18.43 -0.87
N ILE F 107 -0.68 17.84 0.19
CA ILE F 107 0.00 16.82 0.97
C ILE F 107 -0.84 15.57 0.95
N ALA F 108 -0.21 14.42 0.74
CA ALA F 108 -0.93 13.17 0.63
C ALA F 108 -0.07 12.04 1.16
N TRP F 109 -0.72 11.11 1.86
CA TRP F 109 -0.01 9.96 2.39
C TRP F 109 -0.93 8.74 2.39
N ASN F 110 -0.34 7.56 2.24
CA ASN F 110 -1.10 6.33 2.24
C ASN F 110 -1.65 6.03 3.62
N SER F 111 -2.84 5.44 3.66
CA SER F 111 -3.52 5.14 4.92
C SER F 111 -4.18 3.77 4.87
N ASN F 112 -3.52 2.79 4.27
CA ASN F 112 -4.11 1.48 4.08
C ASN F 112 -4.42 0.80 5.41
N ASN F 113 -3.54 0.97 6.40
CA ASN F 113 -3.77 0.40 7.72
C ASN F 113 -4.94 1.08 8.42
N LEU F 114 -5.07 2.40 8.24
CA LEU F 114 -6.06 3.15 8.99
C LEU F 114 -7.45 3.01 8.40
N ASP F 115 -7.55 2.94 7.07
CA ASP F 115 -8.82 3.08 6.36
C ASP F 115 -9.22 1.84 5.58
N SER F 116 -8.57 0.71 5.81
CA SER F 116 -9.02 -0.54 5.25
C SER F 116 -9.68 -1.39 6.33
N LYS F 117 -10.50 -2.31 5.87
CA LYS F 117 -11.28 -3.19 6.74
C LYS F 117 -11.43 -4.50 5.99
N VAL F 118 -11.28 -5.61 6.72
CA VAL F 118 -11.43 -6.92 6.11
C VAL F 118 -12.77 -6.99 5.42
N GLY F 119 -12.76 -7.38 4.15
CA GLY F 119 -13.99 -7.41 3.37
C GLY F 119 -14.38 -6.11 2.72
N GLY F 120 -13.61 -5.04 2.93
CA GLY F 120 -13.82 -3.79 2.25
C GLY F 120 -14.37 -2.72 3.18
N ASN F 121 -13.95 -1.47 2.94
CA ASN F 121 -14.50 -0.32 3.63
C ASN F 121 -15.32 0.48 2.63
N TYR F 122 -16.61 0.65 2.91
CA TYR F 122 -17.53 1.34 2.02
C TYR F 122 -18.02 2.66 2.64
N ASN F 123 -17.32 3.17 3.66
CA ASN F 123 -17.68 4.46 4.24
C ASN F 123 -17.24 5.63 3.36
N TYR F 124 -16.24 5.43 2.51
CA TYR F 124 -15.65 6.51 1.73
C TYR F 124 -16.25 6.50 0.33
N LEU F 125 -16.98 7.56 -0.01
CA LEU F 125 -17.68 7.68 -1.28
C LEU F 125 -17.02 8.72 -2.17
N TYR F 126 -17.45 8.72 -3.44
CA TYR F 126 -17.06 9.73 -4.40
C TYR F 126 -18.20 9.90 -5.39
N ARG F 127 -18.32 11.12 -5.93
CA ARG F 127 -19.38 11.43 -6.87
C ARG F 127 -18.97 10.99 -8.27
N LEU F 128 -19.86 10.25 -8.93
CA LEU F 128 -19.58 9.64 -10.22
C LEU F 128 -20.28 10.32 -11.39
N PHE F 129 -21.46 10.88 -11.16
CA PHE F 129 -22.23 11.54 -12.20
C PHE F 129 -22.54 12.98 -11.80
N ARG F 130 -22.36 13.90 -12.75
CA ARG F 130 -22.73 15.29 -12.53
C ARG F 130 -22.92 15.96 -13.88
N LYS F 131 -23.92 16.85 -13.96
CA LYS F 131 -24.25 17.50 -15.23
C LYS F 131 -23.11 18.43 -15.68
N SER F 132 -22.56 19.24 -14.77
CA SER F 132 -21.50 20.19 -15.11
C SER F 132 -20.29 19.99 -14.20
N ASN F 133 -19.12 20.37 -14.71
CA ASN F 133 -17.91 20.31 -13.90
C ASN F 133 -18.03 21.23 -12.68
N LEU F 134 -17.15 21.01 -11.70
CA LEU F 134 -17.17 21.79 -10.48
C LEU F 134 -16.34 23.06 -10.65
N LYS F 135 -16.81 24.15 -10.08
CA LYS F 135 -16.01 25.37 -9.96
C LYS F 135 -15.01 25.20 -8.82
N PRO F 136 -13.91 25.96 -8.83
CA PRO F 136 -12.85 25.73 -7.85
C PRO F 136 -13.35 25.94 -6.43
N PHE F 137 -12.93 25.06 -5.53
CA PHE F 137 -13.25 25.15 -4.11
C PHE F 137 -14.77 25.10 -3.87
N GLU F 138 -15.50 24.40 -4.73
CA GLU F 138 -16.93 24.21 -4.56
C GLU F 138 -17.19 22.83 -3.97
N ARG F 139 -18.30 22.69 -3.28
CA ARG F 139 -18.67 21.45 -2.62
C ARG F 139 -20.12 21.12 -2.93
N ASP F 140 -20.38 19.90 -3.37
CA ASP F 140 -21.73 19.44 -3.66
C ASP F 140 -21.99 18.18 -2.85
N ILE F 141 -23.02 18.23 -2.01
CA ILE F 141 -23.38 17.10 -1.15
C ILE F 141 -24.74 16.52 -1.52
N SER F 142 -25.31 16.94 -2.64
CA SER F 142 -26.64 16.48 -3.01
C SER F 142 -26.61 14.98 -3.28
N THR F 143 -27.77 14.35 -3.10
CA THR F 143 -27.93 12.92 -3.32
C THR F 143 -29.06 12.62 -4.30
N GLU F 144 -29.58 13.64 -4.99
CA GLU F 144 -30.70 13.45 -5.90
C GLU F 144 -30.33 12.44 -6.99
N ILE F 145 -31.22 11.48 -7.21
CA ILE F 145 -31.01 10.46 -8.24
C ILE F 145 -30.72 11.14 -9.57
N TYR F 146 -29.67 10.67 -10.25
CA TYR F 146 -29.24 11.24 -11.52
C TYR F 146 -29.98 10.55 -12.65
N GLN F 147 -30.65 11.33 -13.49
CA GLN F 147 -31.50 10.83 -14.56
C GLN F 147 -30.73 10.93 -15.87
N ALA F 148 -30.26 9.79 -16.36
CA ALA F 148 -29.49 9.75 -17.59
C ALA F 148 -30.37 9.57 -18.82
N GLY F 149 -31.51 8.91 -18.65
CA GLY F 149 -32.40 8.65 -19.75
C GLY F 149 -33.31 9.82 -20.05
N SER F 150 -34.12 9.62 -21.08
CA SER F 150 -35.12 10.61 -21.46
C SER F 150 -36.32 10.61 -20.52
N THR F 151 -36.55 9.48 -19.77
CA THR F 151 -37.69 9.29 -18.89
C THR F 151 -37.34 9.69 -17.46
N PRO F 152 -38.32 10.14 -16.68
CA PRO F 152 -38.02 10.56 -15.30
C PRO F 152 -37.82 9.36 -14.37
N CYS F 153 -37.12 9.64 -13.26
CA CYS F 153 -36.74 8.60 -12.32
C CYS F 153 -37.65 8.51 -11.09
N ASN F 154 -38.21 9.64 -10.65
CA ASN F 154 -39.11 9.66 -9.48
C ASN F 154 -38.43 9.08 -8.24
N GLY F 155 -37.14 9.35 -8.11
CA GLY F 155 -36.42 8.99 -6.90
C GLY F 155 -36.27 7.49 -6.67
N VAL F 156 -35.97 6.74 -7.73
CA VAL F 156 -35.88 5.29 -7.65
C VAL F 156 -34.64 4.82 -8.41
N GLU F 157 -33.92 3.88 -7.82
CA GLU F 157 -32.67 3.39 -8.40
C GLU F 157 -32.92 2.35 -9.48
N GLY F 158 -32.18 2.46 -10.58
CA GLY F 158 -32.25 1.48 -11.64
C GLY F 158 -31.45 1.92 -12.84
N PHE F 159 -31.71 1.27 -13.98
CA PHE F 159 -31.04 1.64 -15.22
C PHE F 159 -31.43 3.06 -15.63
N ASN F 160 -30.47 3.81 -16.14
CA ASN F 160 -30.61 5.22 -16.47
C ASN F 160 -31.06 6.07 -15.28
N CYS F 161 -31.02 5.53 -14.06
CA CYS F 161 -31.48 6.22 -12.86
C CYS F 161 -30.53 5.83 -11.73
N TYR F 162 -29.36 6.48 -11.72
CA TYR F 162 -28.25 6.08 -10.87
C TYR F 162 -28.16 6.97 -9.65
N PHE F 163 -27.86 6.36 -8.51
CA PHE F 163 -27.53 7.12 -7.33
C PHE F 163 -26.14 7.74 -7.52
N PRO F 164 -26.00 9.05 -7.33
CA PRO F 164 -24.81 9.74 -7.87
C PRO F 164 -23.52 9.33 -7.20
N LEU F 165 -23.55 8.92 -5.93
CA LEU F 165 -22.35 8.65 -5.17
C LEU F 165 -22.09 7.16 -5.12
N GLN F 166 -20.85 6.77 -5.33
CA GLN F 166 -20.45 5.36 -5.35
C GLN F 166 -19.23 5.19 -4.46
N SER F 167 -19.07 3.98 -3.95
CA SER F 167 -18.13 3.72 -2.87
C SER F 167 -16.80 3.22 -3.41
N TYR F 168 -15.73 3.62 -2.74
CA TYR F 168 -14.41 3.08 -3.01
C TYR F 168 -14.36 1.64 -2.49
N GLY F 169 -13.70 0.77 -3.24
CA GLY F 169 -13.54 -0.60 -2.79
C GLY F 169 -12.25 -0.79 -2.01
N PHE F 170 -12.14 -0.14 -0.85
CA PHE F 170 -10.87 -0.12 -0.14
C PHE F 170 -10.60 -1.49 0.46
N GLN F 171 -10.32 -2.45 -0.41
CA GLN F 171 -9.96 -3.77 0.04
C GLN F 171 -8.53 -3.75 0.58
N PRO F 172 -8.27 -4.42 1.70
CA PRO F 172 -6.89 -4.47 2.21
C PRO F 172 -5.91 -5.10 1.25
N THR F 173 -6.36 -6.04 0.41
CA THR F 173 -5.48 -6.74 -0.52
C THR F 173 -5.36 -6.02 -1.86
N ASN F 174 -5.63 -4.74 -1.91
CA ASN F 174 -5.70 -4.02 -3.17
C ASN F 174 -4.33 -3.53 -3.60
N GLY F 175 -4.22 -3.21 -4.89
CA GLY F 175 -3.01 -2.58 -5.40
C GLY F 175 -2.89 -1.14 -4.93
N VAL F 176 -1.68 -0.60 -5.02
CA VAL F 176 -1.41 0.70 -4.43
C VAL F 176 -2.28 1.78 -5.06
N GLY F 177 -2.52 1.68 -6.37
CA GLY F 177 -3.35 2.66 -7.04
C GLY F 177 -4.77 2.70 -6.52
N TYR F 178 -5.21 1.64 -5.85
CA TYR F 178 -6.58 1.53 -5.35
C TYR F 178 -6.64 1.51 -3.82
N GLN F 179 -5.50 1.79 -3.16
CA GLN F 179 -5.46 1.90 -1.71
C GLN F 179 -5.86 3.32 -1.29
N PRO F 180 -6.53 3.46 -0.16
CA PRO F 180 -6.88 4.80 0.33
C PRO F 180 -5.64 5.63 0.59
N TYR F 181 -5.75 6.91 0.28
CA TYR F 181 -4.74 7.91 0.58
C TYR F 181 -5.47 9.09 1.19
N ARG F 182 -4.90 9.66 2.24
CA ARG F 182 -5.45 10.84 2.89
C ARG F 182 -4.74 12.08 2.37
N VAL F 183 -5.52 13.12 2.11
CA VAL F 183 -5.06 14.32 1.43
C VAL F 183 -5.46 15.53 2.27
N VAL F 184 -4.52 16.46 2.41
CA VAL F 184 -4.74 17.76 3.04
C VAL F 184 -4.20 18.84 2.09
N VAL F 185 -5.02 19.85 1.85
CA VAL F 185 -4.71 20.94 0.94
C VAL F 185 -4.67 22.23 1.75
N LEU F 186 -3.49 22.83 1.81
CA LEU F 186 -3.29 24.09 2.51
C LEU F 186 -3.38 25.24 1.50
N SER F 187 -4.45 26.01 1.61
CA SER F 187 -4.65 27.22 0.81
C SER F 187 -4.29 28.43 1.65
N PHE F 188 -3.57 29.38 1.05
CA PHE F 188 -3.05 30.56 1.74
C PHE F 188 -3.78 31.79 1.22
N GLU F 189 -4.84 32.19 1.93
CA GLU F 189 -5.63 33.34 1.53
C GLU F 189 -4.87 34.60 1.95
N LEU F 190 -4.29 35.28 0.97
CA LEU F 190 -3.59 36.54 1.16
C LEU F 190 -4.46 37.65 0.61
N LEU F 191 -4.84 38.60 1.47
CA LEU F 191 -5.78 39.65 1.11
C LEU F 191 -5.29 40.96 1.71
N HIS F 192 -6.10 42.02 1.54
CA HIS F 192 -5.81 43.32 2.14
C HIS F 192 -6.55 43.39 3.48
N ALA F 193 -5.97 42.73 4.47
CA ALA F 193 -6.58 42.58 5.79
C ALA F 193 -5.50 42.23 6.79
N PRO F 194 -5.74 42.41 8.08
CA PRO F 194 -4.73 42.03 9.08
C PRO F 194 -4.28 40.58 8.89
N ALA F 195 -2.97 40.38 8.96
CA ALA F 195 -2.36 39.05 8.83
C ALA F 195 -2.52 38.33 10.16
N THR F 196 -3.46 37.38 10.22
CA THR F 196 -3.75 36.67 11.45
C THR F 196 -2.93 35.40 11.63
N VAL F 197 -2.31 34.89 10.56
CA VAL F 197 -1.42 33.75 10.63
C VAL F 197 -0.03 34.20 10.20
N CYS F 198 0.99 33.63 10.82
CA CYS F 198 2.37 33.99 10.51
C CYS F 198 3.24 32.76 10.68
N GLY F 199 4.54 32.93 10.45
CA GLY F 199 5.50 31.91 10.76
C GLY F 199 5.99 32.05 12.18
N PRO F 200 7.09 31.37 12.51
CA PRO F 200 7.62 31.45 13.88
C PRO F 200 8.26 32.80 14.15
N LYS F 201 8.24 33.18 15.43
CA LYS F 201 8.90 34.39 15.90
C LYS F 201 8.35 35.63 15.20
C1 NAG G . 4.68 -7.82 -18.22
C2 NAG G . 5.74 -7.10 -19.06
C3 NAG G . 5.20 -5.74 -19.54
C4 NAG G . 3.82 -5.86 -20.16
C5 NAG G . 2.87 -6.66 -19.28
C6 NAG G . 1.54 -6.94 -19.95
C7 NAG G . 8.19 -7.18 -18.73
C8 NAG G . 8.30 -7.74 -20.13
N2 NAG G . 6.95 -6.91 -18.29
O3 NAG G . 6.11 -5.21 -20.50
O4 NAG G . 3.28 -4.55 -20.35
O5 NAG G . 3.47 -7.93 -18.97
O6 NAG G . 0.88 -8.06 -19.37
O7 NAG G . 9.18 -6.98 -18.03
C1 NAG H . 0.74 13.91 14.46
C2 NAG H . 1.47 15.23 14.31
C3 NAG H . 2.96 14.97 14.05
C4 NAG H . 3.54 14.07 15.13
C5 NAG H . 2.69 12.82 15.33
C6 NAG H . 3.10 12.03 16.55
C7 NAG H . 0.71 17.36 13.36
C8 NAG H . 0.11 18.04 12.17
N2 NAG H . 0.90 16.05 13.26
O3 NAG H . 3.65 16.21 14.02
O4 NAG H . 4.85 13.67 14.74
O5 NAG H . 1.31 13.17 15.53
O6 NAG H . 2.61 12.62 17.74
O7 NAG H . 1.01 17.98 14.38
#